data_1HLD
#
_entry.id   1HLD
#
_cell.length_a   51.100
_cell.length_b   180.700
_cell.length_c   44.300
_cell.angle_alpha   90.00
_cell.angle_beta   108.00
_cell.angle_gamma   90.00
#
_symmetry.space_group_name_H-M   'P 1 21 1'
#
loop_
_entity.id
_entity.type
_entity.pdbx_description
1 polymer 'ALCOHOL DEHYDROGENASE'
2 non-polymer 'ZINC ION'
3 non-polymer NICOTINAMIDE-ADENINE-DINUCLEOTIDE
4 non-polymer '2,3,4,5,6-PENTAFLUOROBENZYL ALCOHOL'
5 non-polymer 'PARA-BROMOBENZYL ALCOHOL'
6 water water
#
_entity_poly.entity_id   1
_entity_poly.type   'polypeptide(L)'
_entity_poly.pdbx_seq_one_letter_code
;STAGKVIKCKAAVLWEEKKPFSIEEVEVAPPKAHEVRIKMVATGICRSDDHVVSGTLVTPLPVIAGHEAAGIVESIGEGV
TTVRPGDKVIPLFTPQCGKCRVCKHPEGNFCLKNDLSMPRGTMQDGTSRFTCRGKPIHHFLGTSTFSQYTVVDEISVAKI
DAASPLEKVCLIGCGFSTGYGSAVKVAKVTQGSTCAVFGLGGVGLSVIMGCKAAGAARIIGVDINKDKFAKAKEVGATEC
VNPQDYKKPIQEVLTEMSNGGVDFSFEVIGRLDTMVTALSCCQEAYGVSVIVGVPPDSQNLSMNPMLLLSGRTWKGAIFG
GFKSKDSVPKLVADFMAKKFALDPLITHVLPFEKINEGFDLLRSGESIRTILTF
;
_entity_poly.pdbx_strand_id   A,B
#
# COMPACT_ATOMS: atom_id res chain seq x y z
N SER A 1 -31.05 36.81 19.40
CA SER A 1 -30.76 36.95 20.85
C SER A 1 -29.25 37.12 21.06
N THR A 2 -28.51 36.03 20.89
CA THR A 2 -27.05 36.04 21.02
C THR A 2 -26.45 36.27 19.64
N ALA A 3 -27.30 36.13 18.64
CA ALA A 3 -26.92 36.30 17.25
C ALA A 3 -26.30 37.67 17.05
N GLY A 4 -25.22 37.68 16.26
CA GLY A 4 -24.53 38.92 15.95
C GLY A 4 -23.76 39.52 17.11
N LYS A 5 -23.76 38.83 18.24
CA LYS A 5 -23.06 39.34 19.42
C LYS A 5 -22.08 38.29 19.90
N VAL A 6 -21.02 38.75 20.56
CA VAL A 6 -20.03 37.87 21.15
C VAL A 6 -20.73 37.10 22.26
N ILE A 7 -20.30 35.86 22.49
CA ILE A 7 -20.88 35.05 23.56
C ILE A 7 -19.77 34.73 24.55
N LYS A 8 -20.08 34.85 25.83
CA LYS A 8 -19.12 34.52 26.88
C LYS A 8 -19.57 33.14 27.30
N CYS A 9 -18.67 32.17 27.33
CA CYS A 9 -19.04 30.81 27.76
C CYS A 9 -17.82 30.07 28.24
N LYS A 10 -18.03 28.87 28.76
CA LYS A 10 -16.93 28.06 29.24
C LYS A 10 -16.41 27.19 28.11
N ALA A 11 -15.12 26.89 28.16
CA ALA A 11 -14.45 26.04 27.18
C ALA A 11 -13.23 25.49 27.89
N ALA A 12 -12.76 24.32 27.46
CA ALA A 12 -11.58 23.70 28.04
C ALA A 12 -10.37 24.13 27.23
N VAL A 13 -9.57 25.02 27.79
CA VAL A 13 -8.37 25.53 27.14
C VAL A 13 -7.10 24.77 27.52
N LEU A 14 -6.32 24.39 26.52
CA LEU A 14 -5.04 23.71 26.76
C LEU A 14 -3.97 24.77 26.43
N TRP A 15 -3.33 25.30 27.48
CA TRP A 15 -2.33 26.35 27.34
C TRP A 15 -0.97 25.77 27.04
N GLU A 16 -0.66 24.68 27.73
CA GLU A 16 0.61 24.00 27.56
C GLU A 16 0.38 22.50 27.49
N GLU A 17 1.19 21.82 26.69
CA GLU A 17 1.05 20.39 26.53
C GLU A 17 1.40 19.68 27.82
N LYS A 18 0.83 18.49 27.98
CA LYS A 18 1.05 17.64 29.14
C LYS A 18 0.50 18.21 30.44
N LYS A 19 -0.43 19.16 30.33
CA LYS A 19 -1.08 19.75 31.49
C LYS A 19 -2.59 19.48 31.34
N PRO A 20 -3.34 19.53 32.46
CA PRO A 20 -4.78 19.28 32.39
C PRO A 20 -5.47 20.42 31.64
N PHE A 21 -6.73 20.20 31.24
CA PHE A 21 -7.49 21.22 30.55
C PHE A 21 -8.04 22.20 31.58
N SER A 22 -8.01 23.48 31.26
CA SER A 22 -8.51 24.50 32.15
C SER A 22 -9.90 24.91 31.67
N ILE A 23 -10.91 24.68 32.50
CA ILE A 23 -12.25 25.07 32.11
C ILE A 23 -12.30 26.55 32.45
N GLU A 24 -12.43 27.39 31.43
CA GLU A 24 -12.46 28.84 31.63
C GLU A 24 -13.53 29.53 30.82
N GLU A 25 -13.56 30.85 30.97
CA GLU A 25 -14.51 31.67 30.25
C GLU A 25 -13.79 32.23 29.04
N VAL A 26 -14.44 32.14 27.89
CA VAL A 26 -13.87 32.61 26.65
C VAL A 26 -14.97 33.39 25.94
N GLU A 27 -14.57 34.22 24.98
CA GLU A 27 -15.51 35.01 24.22
C GLU A 27 -15.45 34.43 22.82
N VAL A 28 -16.62 34.08 22.29
CA VAL A 28 -16.70 33.50 20.97
C VAL A 28 -17.34 34.53 20.07
N ALA A 29 -16.56 34.97 19.10
CA ALA A 29 -17.01 35.98 18.16
C ALA A 29 -18.17 35.48 17.32
N PRO A 30 -18.94 36.41 16.75
CA PRO A 30 -20.06 36.00 15.90
C PRO A 30 -19.50 35.45 14.58
N PRO A 31 -20.27 34.60 13.88
CA PRO A 31 -19.76 34.06 12.60
C PRO A 31 -19.64 35.10 11.49
N LYS A 32 -18.57 34.98 10.71
CA LYS A 32 -18.39 35.87 9.56
C LYS A 32 -19.08 35.18 8.37
N ALA A 33 -19.01 35.75 7.18
CA ALA A 33 -19.69 35.14 6.04
C ALA A 33 -19.20 33.69 5.83
N HIS A 34 -20.13 32.80 5.53
CA HIS A 34 -19.84 31.38 5.29
C HIS A 34 -19.33 30.65 6.53
N GLU A 35 -19.57 31.22 7.71
CA GLU A 35 -19.17 30.58 8.96
C GLU A 35 -20.45 30.25 9.73
N VAL A 36 -20.35 29.37 10.70
CA VAL A 36 -21.52 28.96 11.45
C VAL A 36 -21.16 28.83 12.91
N ARG A 37 -21.99 29.37 13.79
CA ARG A 37 -21.75 29.25 15.24
C ARG A 37 -22.70 28.18 15.78
N ILE A 38 -22.13 27.22 16.50
CA ILE A 38 -22.84 26.07 17.04
C ILE A 38 -22.84 25.99 18.55
N LYS A 39 -23.98 25.63 19.13
CA LYS A 39 -24.06 25.40 20.57
C LYS A 39 -23.81 23.90 20.69
N MET A 40 -22.75 23.52 21.40
CA MET A 40 -22.43 22.11 21.55
C MET A 40 -23.42 21.42 22.44
N VAL A 41 -23.76 20.20 22.08
CA VAL A 41 -24.70 19.39 22.84
C VAL A 41 -23.94 18.23 23.43
N ALA A 42 -23.07 17.60 22.63
CA ALA A 42 -22.26 16.47 23.10
C ALA A 42 -20.94 16.36 22.32
N THR A 43 -19.90 15.88 23.00
CA THR A 43 -18.58 15.73 22.39
C THR A 43 -17.87 14.51 23.00
N GLY A 44 -17.32 13.64 22.15
CA GLY A 44 -16.65 12.46 22.67
C GLY A 44 -15.17 12.67 22.86
N ILE A 45 -14.56 11.88 23.74
CA ILE A 45 -13.13 11.96 23.96
C ILE A 45 -12.38 10.94 23.08
N CYS A 46 -11.80 11.43 21.98
CA CYS A 46 -11.04 10.60 21.05
C CYS A 46 -9.54 10.61 21.43
N ARG A 47 -8.84 9.53 21.15
CA ARG A 47 -7.43 9.46 21.46
C ARG A 47 -6.61 10.58 20.79
N SER A 48 -7.06 11.08 19.64
CA SER A 48 -6.34 12.16 18.94
C SER A 48 -6.30 13.46 19.72
N ASP A 49 -7.27 13.62 20.63
CA ASP A 49 -7.34 14.80 21.51
C ASP A 49 -6.27 14.59 22.57
N ASP A 50 -6.12 13.35 23.02
CA ASP A 50 -5.09 13.03 24.00
C ASP A 50 -3.68 13.21 23.39
N HIS A 51 -3.53 12.93 22.10
CA HIS A 51 -2.24 13.12 21.43
C HIS A 51 -1.81 14.59 21.45
N VAL A 52 -2.78 15.49 21.42
CA VAL A 52 -2.50 16.92 21.45
C VAL A 52 -1.91 17.26 22.82
N VAL A 53 -2.50 16.69 23.86
CA VAL A 53 -2.03 16.90 25.23
C VAL A 53 -0.59 16.39 25.35
N SER A 54 -0.35 15.14 24.94
CA SER A 54 0.96 14.53 25.00
C SER A 54 2.01 15.16 24.09
N GLY A 55 1.58 15.92 23.08
CA GLY A 55 2.53 16.50 22.15
C GLY A 55 2.92 15.52 21.05
N THR A 56 2.21 14.40 20.99
CA THR A 56 2.40 13.36 19.99
C THR A 56 1.89 13.92 18.65
N LEU A 57 0.83 14.71 18.76
CA LEU A 57 0.22 15.34 17.61
C LEU A 57 0.46 16.84 17.79
N VAL A 58 1.17 17.44 16.85
CA VAL A 58 1.52 18.85 16.92
C VAL A 58 0.52 19.82 16.27
N THR A 59 0.05 20.75 17.08
CA THR A 59 -0.88 21.77 16.62
C THR A 59 -0.58 22.98 17.52
N PRO A 60 -0.74 24.19 16.98
CA PRO A 60 -0.50 25.45 17.71
C PRO A 60 -1.30 25.59 19.02
N LEU A 61 -0.62 25.92 20.12
CA LEU A 61 -1.25 26.12 21.43
C LEU A 61 -1.12 27.62 21.77
N PRO A 62 -1.96 28.15 22.69
CA PRO A 62 -3.00 27.41 23.39
C PRO A 62 -4.09 27.08 22.37
N VAL A 63 -4.87 26.05 22.66
CA VAL A 63 -5.89 25.62 21.73
C VAL A 63 -7.10 25.07 22.47
N ILE A 64 -8.24 25.05 21.78
CA ILE A 64 -9.46 24.44 22.29
C ILE A 64 -9.58 23.20 21.41
N ALA A 65 -9.23 22.06 21.97
CA ALA A 65 -9.26 20.79 21.24
C ALA A 65 -10.71 20.30 21.06
N GLY A 66 -10.87 19.03 20.70
CA GLY A 66 -12.20 18.51 20.48
C GLY A 66 -12.52 18.54 19.00
N HIS A 67 -12.97 17.39 18.49
CA HIS A 67 -13.31 17.28 17.08
C HIS A 67 -14.43 16.27 16.80
N GLU A 68 -14.80 15.48 17.80
CA GLU A 68 -15.85 14.47 17.67
C GLU A 68 -17.04 14.97 18.49
N ALA A 69 -18.02 15.57 17.83
CA ALA A 69 -19.15 16.14 18.53
C ALA A 69 -20.41 16.30 17.70
N ALA A 70 -21.46 16.77 18.36
CA ALA A 70 -22.74 17.04 17.71
C ALA A 70 -23.37 18.25 18.43
N GLY A 71 -23.99 19.15 17.66
CA GLY A 71 -24.60 20.34 18.26
C GLY A 71 -25.73 20.96 17.44
N ILE A 72 -26.11 22.18 17.78
CA ILE A 72 -27.22 22.90 17.14
C ILE A 72 -26.75 24.26 16.62
N VAL A 73 -27.20 24.64 15.43
CA VAL A 73 -26.82 25.93 14.89
C VAL A 73 -27.48 27.07 15.67
N GLU A 74 -26.65 27.96 16.18
CA GLU A 74 -27.12 29.13 16.93
C GLU A 74 -27.33 30.27 15.95
N SER A 75 -26.40 30.45 15.02
CA SER A 75 -26.52 31.48 14.00
C SER A 75 -25.57 31.17 12.88
N ILE A 76 -25.84 31.75 11.72
CA ILE A 76 -25.03 31.55 10.52
C ILE A 76 -24.52 32.90 10.00
N GLY A 77 -23.37 32.89 9.35
CA GLY A 77 -22.83 34.11 8.79
C GLY A 77 -23.50 34.33 7.45
N GLU A 78 -23.06 35.34 6.72
CA GLU A 78 -23.66 35.64 5.42
C GLU A 78 -23.24 34.64 4.34
N GLY A 79 -24.18 34.29 3.49
CA GLY A 79 -23.89 33.37 2.42
C GLY A 79 -24.06 31.89 2.75
N VAL A 80 -24.24 31.58 4.03
CA VAL A 80 -24.41 30.20 4.43
C VAL A 80 -25.76 29.73 3.91
N THR A 81 -25.73 28.69 3.07
CA THR A 81 -26.94 28.16 2.47
C THR A 81 -27.26 26.71 2.86
N THR A 82 -26.26 26.00 3.37
CA THR A 82 -26.42 24.59 3.74
C THR A 82 -27.07 24.32 5.10
N VAL A 83 -27.02 25.28 6.01
CA VAL A 83 -27.61 25.10 7.35
C VAL A 83 -28.33 26.35 7.81
N ARG A 84 -29.12 26.20 8.87
CA ARG A 84 -29.87 27.31 9.44
C ARG A 84 -30.00 27.12 10.94
N PRO A 85 -30.19 28.23 11.68
CA PRO A 85 -30.34 28.19 13.14
C PRO A 85 -31.36 27.12 13.55
N GLY A 86 -31.05 26.36 14.60
CA GLY A 86 -31.97 25.31 15.02
C GLY A 86 -31.61 23.95 14.45
N ASP A 87 -30.84 23.92 13.36
CA ASP A 87 -30.41 22.66 12.74
C ASP A 87 -29.40 21.87 13.59
N LYS A 88 -29.56 20.55 13.65
CA LYS A 88 -28.60 19.69 14.35
C LYS A 88 -27.47 19.47 13.35
N VAL A 89 -26.23 19.64 13.81
CA VAL A 89 -25.07 19.50 12.93
C VAL A 89 -23.96 18.72 13.59
N ILE A 90 -23.06 18.22 12.73
CA ILE A 90 -21.89 17.50 13.20
C ILE A 90 -20.70 18.25 12.57
N PRO A 91 -19.82 18.86 13.41
CA PRO A 91 -18.67 19.55 12.80
C PRO A 91 -17.75 18.49 12.16
N LEU A 92 -17.17 18.84 11.04
CA LEU A 92 -16.32 17.92 10.30
C LEU A 92 -14.83 18.28 10.36
N PHE A 93 -14.03 17.43 10.99
CA PHE A 93 -12.60 17.72 11.09
C PHE A 93 -11.88 17.56 9.73
N THR A 94 -12.48 16.80 8.83
CA THR A 94 -11.96 16.63 7.47
C THR A 94 -13.04 17.40 6.68
N PRO A 95 -12.67 18.55 6.09
CA PRO A 95 -13.69 19.31 5.34
C PRO A 95 -14.02 18.73 3.95
N GLN A 96 -14.90 19.44 3.24
CA GLN A 96 -15.26 19.08 1.88
C GLN A 96 -15.68 20.33 1.15
N CYS A 97 -14.68 21.07 0.67
CA CYS A 97 -14.92 22.31 -0.08
C CYS A 97 -15.64 22.00 -1.39
N GLY A 98 -15.54 20.75 -1.84
CA GLY A 98 -16.19 20.31 -3.06
C GLY A 98 -15.61 20.86 -4.35
N LYS A 99 -14.62 21.74 -4.26
CA LYS A 99 -14.01 22.36 -5.43
C LYS A 99 -12.60 21.90 -5.80
N CYS A 100 -11.82 21.45 -4.82
CA CYS A 100 -10.45 21.04 -5.11
C CYS A 100 -10.33 19.68 -5.80
N ARG A 101 -9.12 19.36 -6.26
CA ARG A 101 -8.79 18.11 -6.96
C ARG A 101 -9.27 16.90 -6.18
N VAL A 102 -8.96 16.91 -4.90
CA VAL A 102 -9.32 15.81 -4.05
C VAL A 102 -10.82 15.68 -3.99
N CYS A 103 -11.48 16.80 -3.77
CA CYS A 103 -12.94 16.82 -3.67
C CYS A 103 -13.60 16.31 -4.93
N LYS A 104 -13.00 16.66 -6.06
CA LYS A 104 -13.48 16.24 -7.36
C LYS A 104 -13.13 14.79 -7.68
N HIS A 105 -12.08 14.26 -7.06
CA HIS A 105 -11.68 12.86 -7.28
C HIS A 105 -12.73 11.91 -6.69
N PRO A 106 -13.08 10.86 -7.44
CA PRO A 106 -14.09 9.91 -6.97
C PRO A 106 -13.67 9.14 -5.73
N GLU A 107 -12.37 8.98 -5.52
CA GLU A 107 -11.92 8.23 -4.35
C GLU A 107 -11.37 9.07 -3.18
N GLY A 108 -10.69 10.18 -3.46
CA GLY A 108 -10.11 11.01 -2.40
C GLY A 108 -11.09 11.66 -1.46
N ASN A 109 -10.70 11.81 -0.19
CA ASN A 109 -11.54 12.47 0.83
C ASN A 109 -10.76 13.50 1.67
N PHE A 110 -9.44 13.56 1.48
CA PHE A 110 -8.54 14.45 2.21
C PHE A 110 -8.50 15.81 1.58
N CYS A 111 -9.63 16.52 1.68
CA CYS A 111 -9.79 17.86 1.11
C CYS A 111 -8.57 18.76 1.36
N LEU A 112 -8.16 19.45 0.32
CA LEU A 112 -7.01 20.35 0.38
C LEU A 112 -7.17 21.54 1.32
N LYS A 113 -8.34 21.73 1.90
CA LYS A 113 -8.55 22.84 2.83
C LYS A 113 -8.38 22.39 4.26
N ASN A 114 -8.04 21.12 4.46
CA ASN A 114 -7.85 20.57 5.80
C ASN A 114 -6.84 21.39 6.58
N ASP A 115 -6.90 21.25 7.92
CA ASP A 115 -5.98 21.92 8.82
C ASP A 115 -5.19 20.84 9.56
N LEU A 116 -5.04 19.68 8.92
CA LEU A 116 -4.30 18.56 9.49
C LEU A 116 -2.82 18.50 9.11
N SER A 117 -2.49 18.70 7.83
CA SER A 117 -1.11 18.64 7.35
C SER A 117 -0.18 19.72 7.93
N MET A 118 -0.52 20.98 7.68
CA MET A 118 0.27 22.10 8.18
C MET A 118 -0.71 22.83 9.09
N PRO A 119 -0.98 22.27 10.29
CA PRO A 119 -1.90 22.86 11.26
C PRO A 119 -1.54 24.29 11.62
N ARG A 120 -2.46 25.21 11.34
CA ARG A 120 -2.25 26.59 11.72
C ARG A 120 -3.24 27.03 12.79
N GLY A 121 -4.20 26.17 13.11
CA GLY A 121 -5.19 26.46 14.13
C GLY A 121 -6.02 27.74 14.02
N THR A 122 -6.41 28.11 12.81
CA THR A 122 -7.24 29.31 12.63
C THR A 122 -8.42 28.92 11.76
N MET A 123 -9.25 29.92 11.43
CA MET A 123 -10.38 29.71 10.55
C MET A 123 -9.77 29.77 9.15
N GLN A 124 -10.59 29.61 8.12
CA GLN A 124 -10.07 29.65 6.75
C GLN A 124 -9.51 31.02 6.36
N ASP A 125 -9.85 32.06 7.13
CA ASP A 125 -9.38 33.41 6.82
C ASP A 125 -8.12 33.81 7.57
N GLY A 126 -7.57 32.85 8.31
CA GLY A 126 -6.37 33.10 9.06
C GLY A 126 -6.63 33.63 10.45
N THR A 127 -7.89 33.76 10.85
CA THR A 127 -8.17 34.28 12.19
C THR A 127 -8.84 33.30 13.14
N SER A 128 -8.87 33.71 14.41
CA SER A 128 -9.47 32.95 15.50
C SER A 128 -10.75 33.64 15.99
N ARG A 129 -11.71 32.85 16.44
CA ARG A 129 -12.98 33.41 16.94
C ARG A 129 -13.02 33.29 18.44
N PHE A 130 -11.92 32.86 19.03
CA PHE A 130 -11.84 32.68 20.46
C PHE A 130 -10.89 33.66 21.13
N THR A 131 -11.28 34.11 22.32
CA THR A 131 -10.46 35.00 23.13
C THR A 131 -10.53 34.48 24.57
N CYS A 132 -9.38 34.32 25.20
CA CYS A 132 -9.34 33.84 26.56
C CYS A 132 -8.25 34.61 27.30
N ARG A 133 -8.63 35.22 28.44
CA ARG A 133 -7.70 36.03 29.23
C ARG A 133 -7.16 37.14 28.32
N GLY A 134 -8.03 37.66 27.45
CA GLY A 134 -7.66 38.72 26.53
C GLY A 134 -6.81 38.27 25.35
N LYS A 135 -6.47 37.00 25.30
CA LYS A 135 -5.65 36.51 24.19
C LYS A 135 -6.39 35.63 23.21
N PRO A 136 -5.99 35.66 21.92
CA PRO A 136 -6.66 34.81 20.94
C PRO A 136 -6.18 33.36 21.13
N ILE A 137 -7.12 32.43 21.11
CA ILE A 137 -6.88 31.00 21.28
C ILE A 137 -6.99 30.30 19.92
N HIS A 138 -6.23 29.24 19.72
CA HIS A 138 -6.30 28.54 18.45
C HIS A 138 -7.47 27.58 18.37
N HIS A 139 -7.91 27.35 17.14
CA HIS A 139 -8.97 26.40 16.82
C HIS A 139 -8.19 25.10 16.60
N PHE A 140 -8.90 23.99 16.50
CA PHE A 140 -8.25 22.70 16.31
C PHE A 140 -9.02 22.02 15.19
N LEU A 141 -8.32 21.77 14.07
CA LEU A 141 -8.89 21.12 12.89
C LEU A 141 -10.14 21.81 12.37
N GLY A 142 -10.28 23.08 12.72
CA GLY A 142 -11.45 23.84 12.31
C GLY A 142 -12.69 23.36 13.03
N THR A 143 -12.50 22.69 14.16
CA THR A 143 -13.63 22.20 14.91
C THR A 143 -13.72 22.79 16.30
N SER A 144 -12.79 22.44 17.18
CA SER A 144 -12.77 22.92 18.57
C SER A 144 -14.12 22.70 19.24
N THR A 145 -14.41 21.45 19.58
CA THR A 145 -15.69 21.11 20.18
C THR A 145 -15.76 21.06 21.72
N PHE A 146 -14.64 21.26 22.39
CA PHE A 146 -14.61 21.29 23.86
C PHE A 146 -14.94 22.74 24.31
N SER A 147 -16.05 23.29 23.81
CA SER A 147 -16.45 24.64 24.13
C SER A 147 -17.98 24.63 24.02
N GLN A 148 -18.65 25.41 24.86
CA GLN A 148 -20.11 25.46 24.82
C GLN A 148 -20.64 26.01 23.49
N TYR A 149 -19.81 26.79 22.82
CA TYR A 149 -20.14 27.36 21.52
C TYR A 149 -18.88 27.33 20.71
N THR A 150 -19.01 27.26 19.38
CA THR A 150 -17.84 27.27 18.51
C THR A 150 -18.24 27.77 17.15
N VAL A 151 -17.27 28.20 16.35
CA VAL A 151 -17.54 28.70 15.01
C VAL A 151 -16.71 27.90 14.03
N VAL A 152 -17.34 27.36 13.00
CA VAL A 152 -16.63 26.56 12.01
C VAL A 152 -17.06 27.02 10.63
N ASP A 153 -16.20 26.82 9.64
CA ASP A 153 -16.51 27.21 8.28
C ASP A 153 -17.57 26.26 7.76
N GLU A 154 -18.37 26.74 6.82
CA GLU A 154 -19.44 25.97 6.21
C GLU A 154 -18.96 24.65 5.54
N ILE A 155 -17.75 24.66 5.01
CA ILE A 155 -17.20 23.46 4.39
C ILE A 155 -16.82 22.43 5.46
N SER A 156 -16.90 22.83 6.72
CA SER A 156 -16.59 21.95 7.85
C SER A 156 -17.80 21.62 8.72
N VAL A 157 -18.99 21.58 8.13
CA VAL A 157 -20.18 21.28 8.91
C VAL A 157 -21.19 20.54 8.04
N ALA A 158 -21.89 19.57 8.64
CA ALA A 158 -22.88 18.78 7.93
C ALA A 158 -24.19 18.81 8.71
N LYS A 159 -25.28 19.03 8.00
CA LYS A 159 -26.62 19.05 8.60
C LYS A 159 -27.11 17.61 8.75
N ILE A 160 -27.56 17.24 9.95
CA ILE A 160 -28.04 15.88 10.17
C ILE A 160 -29.52 15.81 10.53
N ASP A 161 -30.06 14.60 10.56
CA ASP A 161 -31.46 14.35 10.87
C ASP A 161 -31.85 15.11 12.14
N ALA A 162 -32.94 15.86 12.06
CA ALA A 162 -33.42 16.63 13.19
C ALA A 162 -33.88 15.80 14.38
N ALA A 163 -34.06 14.50 14.19
CA ALA A 163 -34.52 13.61 15.24
C ALA A 163 -33.43 12.77 15.88
N SER A 164 -32.19 12.95 15.43
CA SER A 164 -31.09 12.14 15.94
C SER A 164 -30.61 12.44 17.36
N PRO A 165 -30.29 11.38 18.11
CA PRO A 165 -29.80 11.53 19.49
C PRO A 165 -28.36 12.03 19.44
N LEU A 166 -28.20 13.35 19.56
CA LEU A 166 -26.90 13.98 19.50
C LEU A 166 -25.89 13.40 20.48
N GLU A 167 -26.39 12.91 21.61
CA GLU A 167 -25.51 12.32 22.61
C GLU A 167 -24.88 11.02 22.10
N LYS A 168 -25.38 10.54 20.96
CA LYS A 168 -24.85 9.32 20.36
C LYS A 168 -24.22 9.56 19.00
N VAL A 169 -24.97 10.18 18.08
CA VAL A 169 -24.46 10.42 16.74
C VAL A 169 -23.17 11.25 16.70
N CYS A 170 -22.72 11.74 17.85
CA CYS A 170 -21.48 12.51 17.88
C CYS A 170 -20.32 11.60 17.47
N LEU A 171 -20.45 10.30 17.76
CA LEU A 171 -19.40 9.35 17.42
C LEU A 171 -19.17 9.25 15.92
N ILE A 172 -20.17 9.66 15.13
CA ILE A 172 -20.08 9.66 13.67
C ILE A 172 -19.15 10.81 13.24
N GLY A 173 -18.85 11.69 14.19
CA GLY A 173 -17.96 12.81 13.96
C GLY A 173 -16.51 12.35 13.84
N CYS A 174 -16.20 11.15 14.30
CA CYS A 174 -14.86 10.62 14.17
C CYS A 174 -14.69 9.11 14.43
N GLY A 175 -14.75 8.70 15.68
CA GLY A 175 -14.54 7.31 16.06
C GLY A 175 -15.24 6.26 15.23
N PHE A 176 -16.56 6.36 15.13
CA PHE A 176 -17.30 5.36 14.38
C PHE A 176 -17.02 5.35 12.89
N SER A 177 -17.23 6.49 12.23
CA SER A 177 -17.02 6.58 10.79
C SER A 177 -15.60 6.18 10.36
N THR A 178 -14.60 6.52 11.18
CA THR A 178 -13.21 6.15 10.87
C THR A 178 -13.01 4.63 10.95
N GLY A 179 -13.46 4.03 12.04
CA GLY A 179 -13.29 2.59 12.17
C GLY A 179 -14.05 1.82 11.12
N TYR A 180 -15.33 2.15 10.97
CA TYR A 180 -16.22 1.51 10.01
C TYR A 180 -15.80 1.72 8.55
N GLY A 181 -15.46 2.95 8.18
CA GLY A 181 -15.02 3.24 6.83
C GLY A 181 -13.70 2.58 6.48
N SER A 182 -12.80 2.46 7.44
CA SER A 182 -11.50 1.84 7.17
C SER A 182 -11.65 0.41 6.66
N ALA A 183 -12.56 -0.34 7.28
CA ALA A 183 -12.84 -1.74 6.92
C ALA A 183 -13.61 -1.81 5.62
N VAL A 184 -14.76 -1.16 5.63
CA VAL A 184 -15.71 -1.15 4.52
C VAL A 184 -15.33 -0.42 3.25
N LYS A 185 -14.77 0.76 3.41
CA LYS A 185 -14.41 1.59 2.27
C LYS A 185 -12.93 1.57 1.91
N VAL A 186 -12.06 1.63 2.90
CA VAL A 186 -10.63 1.64 2.59
C VAL A 186 -10.08 0.26 2.24
N ALA A 187 -10.15 -0.67 3.17
CA ALA A 187 -9.62 -2.00 2.93
C ALA A 187 -10.52 -2.75 1.97
N LYS A 188 -11.82 -2.53 2.09
CA LYS A 188 -12.81 -3.21 1.28
C LYS A 188 -12.74 -4.70 1.62
N VAL A 189 -12.99 -4.98 2.89
CA VAL A 189 -13.02 -6.32 3.44
C VAL A 189 -13.99 -7.19 2.62
N THR A 190 -13.53 -8.38 2.27
CA THR A 190 -14.34 -9.27 1.48
C THR A 190 -15.10 -10.26 2.35
N GLN A 191 -16.19 -10.75 1.82
CA GLN A 191 -16.99 -11.73 2.52
C GLN A 191 -16.16 -13.01 2.69
N GLY A 192 -16.19 -13.60 3.88
CA GLY A 192 -15.46 -14.84 4.11
C GLY A 192 -14.00 -14.72 4.50
N SER A 193 -13.45 -13.50 4.42
CA SER A 193 -12.05 -13.25 4.76
C SER A 193 -11.72 -13.29 6.26
N THR A 194 -10.43 -13.25 6.57
CA THR A 194 -9.93 -13.23 7.95
C THR A 194 -9.28 -11.86 8.19
N CYS A 195 -9.67 -11.21 9.27
CA CYS A 195 -9.15 -9.90 9.60
C CYS A 195 -8.49 -9.90 10.97
N ALA A 196 -7.52 -9.02 11.14
CA ALA A 196 -6.86 -8.87 12.41
C ALA A 196 -6.92 -7.36 12.69
N VAL A 197 -7.37 -6.99 13.90
CA VAL A 197 -7.49 -5.58 14.28
C VAL A 197 -6.61 -5.31 15.49
N PHE A 198 -5.62 -4.44 15.31
CA PHE A 198 -4.67 -4.07 16.36
C PHE A 198 -5.16 -2.81 17.08
N GLY A 199 -5.52 -2.97 18.36
CA GLY A 199 -6.04 -1.87 19.14
C GLY A 199 -7.56 -2.00 19.23
N LEU A 200 -8.09 -2.19 20.44
CA LEU A 200 -9.53 -2.35 20.61
C LEU A 200 -10.19 -1.22 21.40
N GLY A 201 -9.89 0.02 21.01
CA GLY A 201 -10.50 1.16 21.64
C GLY A 201 -11.75 1.51 20.84
N GLY A 202 -12.25 2.73 20.99
CA GLY A 202 -13.44 3.14 20.25
C GLY A 202 -13.36 3.00 18.74
N VAL A 203 -12.25 3.40 18.15
CA VAL A 203 -12.09 3.28 16.70
C VAL A 203 -11.85 1.82 16.26
N GLY A 204 -11.10 1.06 17.06
CA GLY A 204 -10.84 -0.32 16.73
C GLY A 204 -12.09 -1.17 16.78
N LEU A 205 -12.96 -0.94 17.76
CA LEU A 205 -14.18 -1.73 17.82
C LEU A 205 -15.06 -1.40 16.63
N SER A 206 -14.99 -0.16 16.16
CA SER A 206 -15.75 0.28 14.98
C SER A 206 -15.19 -0.42 13.74
N VAL A 207 -13.91 -0.75 13.73
CA VAL A 207 -13.31 -1.48 12.60
C VAL A 207 -13.89 -2.89 12.66
N ILE A 208 -13.98 -3.44 13.87
CA ILE A 208 -14.55 -4.76 14.04
C ILE A 208 -16.01 -4.79 13.52
N MET A 209 -16.74 -3.70 13.78
CA MET A 209 -18.13 -3.59 13.32
C MET A 209 -18.16 -3.57 11.80
N GLY A 210 -17.23 -2.85 11.18
CA GLY A 210 -17.15 -2.76 9.74
C GLY A 210 -16.78 -4.09 9.11
N CYS A 211 -15.87 -4.82 9.75
CA CYS A 211 -15.43 -6.12 9.26
C CYS A 211 -16.58 -7.12 9.31
N LYS A 212 -17.31 -7.10 10.42
CA LYS A 212 -18.44 -7.99 10.58
C LYS A 212 -19.47 -7.61 9.52
N ALA A 213 -19.67 -6.31 9.31
CA ALA A 213 -20.61 -5.80 8.31
C ALA A 213 -20.22 -6.20 6.87
N ALA A 214 -18.93 -6.21 6.57
CA ALA A 214 -18.48 -6.58 5.22
C ALA A 214 -18.59 -8.12 5.02
N GLY A 215 -18.84 -8.84 6.11
CA GLY A 215 -18.98 -10.28 6.06
C GLY A 215 -17.75 -11.11 6.35
N ALA A 216 -16.83 -10.58 7.15
CA ALA A 216 -15.61 -11.30 7.47
C ALA A 216 -15.99 -12.56 8.22
N ALA A 217 -15.30 -13.65 7.90
CA ALA A 217 -15.54 -14.94 8.52
C ALA A 217 -14.84 -15.04 9.88
N ARG A 218 -13.69 -14.41 10.00
CA ARG A 218 -12.93 -14.46 11.24
C ARG A 218 -12.35 -13.08 11.50
N ILE A 219 -12.56 -12.57 12.72
CA ILE A 219 -12.05 -11.27 13.15
C ILE A 219 -11.32 -11.44 14.48
N ILE A 220 -10.00 -11.35 14.41
CA ILE A 220 -9.17 -11.50 15.59
C ILE A 220 -8.81 -10.12 16.19
N GLY A 221 -9.16 -9.93 17.46
CA GLY A 221 -8.87 -8.68 18.15
C GLY A 221 -7.56 -8.81 18.91
N VAL A 222 -6.66 -7.85 18.74
CA VAL A 222 -5.35 -7.87 19.39
C VAL A 222 -5.22 -6.65 20.30
N ASP A 223 -5.09 -6.88 21.60
CA ASP A 223 -4.91 -5.79 22.55
C ASP A 223 -4.14 -6.29 23.76
N ILE A 224 -3.29 -5.42 24.32
CA ILE A 224 -2.50 -5.76 25.50
C ILE A 224 -3.36 -5.65 26.75
N ASN A 225 -4.53 -5.05 26.60
CA ASN A 225 -5.49 -4.87 27.69
C ASN A 225 -6.65 -5.87 27.57
N LYS A 226 -6.51 -7.00 28.25
CA LYS A 226 -7.54 -8.06 28.21
C LYS A 226 -8.94 -7.65 28.64
N ASP A 227 -9.07 -6.48 29.27
CA ASP A 227 -10.38 -5.99 29.72
C ASP A 227 -11.25 -5.56 28.56
N LYS A 228 -10.63 -5.36 27.41
CA LYS A 228 -11.33 -4.93 26.21
C LYS A 228 -11.85 -6.11 25.41
N PHE A 229 -11.35 -7.30 25.70
CA PHE A 229 -11.77 -8.48 24.94
C PHE A 229 -13.27 -8.77 24.89
N ALA A 230 -13.94 -8.72 26.05
CA ALA A 230 -15.37 -9.00 26.14
C ALA A 230 -16.19 -8.09 25.24
N LYS A 231 -15.95 -6.79 25.33
CA LYS A 231 -16.68 -5.84 24.52
C LYS A 231 -16.36 -6.13 23.06
N ALA A 232 -15.10 -6.48 22.78
CA ALA A 232 -14.68 -6.79 21.40
C ALA A 232 -15.47 -8.00 20.87
N LYS A 233 -15.57 -9.03 21.69
CA LYS A 233 -16.32 -10.24 21.28
C LYS A 233 -17.76 -9.79 21.04
N GLU A 234 -18.22 -8.89 21.90
CA GLU A 234 -19.56 -8.35 21.85
C GLU A 234 -19.88 -7.69 20.51
N VAL A 235 -18.92 -6.94 19.94
CA VAL A 235 -19.14 -6.27 18.65
C VAL A 235 -18.76 -7.04 17.38
N GLY A 236 -18.19 -8.22 17.53
CA GLY A 236 -17.84 -9.00 16.34
C GLY A 236 -16.63 -9.90 16.37
N ALA A 237 -15.67 -9.64 17.26
CA ALA A 237 -14.47 -10.44 17.31
C ALA A 237 -14.78 -11.91 17.57
N THR A 238 -14.12 -12.81 16.85
CA THR A 238 -14.31 -14.24 17.04
C THR A 238 -13.26 -14.76 18.03
N GLU A 239 -12.11 -14.09 18.11
CA GLU A 239 -11.05 -14.47 19.03
C GLU A 239 -10.31 -13.20 19.38
N CYS A 240 -9.72 -13.19 20.55
CA CYS A 240 -8.96 -12.05 21.01
C CYS A 240 -7.64 -12.57 21.50
N VAL A 241 -6.59 -11.91 21.03
CA VAL A 241 -5.23 -12.25 21.39
C VAL A 241 -4.55 -11.12 22.14
N ASN A 242 -3.77 -11.51 23.15
CA ASN A 242 -3.01 -10.60 23.97
C ASN A 242 -1.55 -11.02 23.80
N PRO A 243 -0.77 -10.19 23.11
CA PRO A 243 0.65 -10.45 22.85
C PRO A 243 1.41 -10.91 24.09
N GLN A 244 0.99 -10.42 25.25
CA GLN A 244 1.64 -10.78 26.52
C GLN A 244 1.58 -12.27 26.86
N ASP A 245 0.52 -12.94 26.44
CA ASP A 245 0.32 -14.37 26.75
C ASP A 245 1.24 -15.31 25.95
N TYR A 246 1.96 -14.76 24.98
CA TYR A 246 2.81 -15.57 24.12
C TYR A 246 4.29 -15.38 24.30
N LYS A 247 5.04 -16.47 24.12
CA LYS A 247 6.48 -16.47 24.21
C LYS A 247 7.09 -16.24 22.82
N LYS A 248 6.21 -16.08 21.85
CA LYS A 248 6.61 -15.89 20.46
C LYS A 248 6.03 -14.57 19.94
N PRO A 249 6.75 -13.87 19.03
CA PRO A 249 6.25 -12.61 18.50
C PRO A 249 4.85 -12.78 17.90
N ILE A 250 4.05 -11.74 18.05
CA ILE A 250 2.67 -11.75 17.60
C ILE A 250 2.46 -12.03 16.11
N GLN A 251 3.32 -11.52 15.23
CA GLN A 251 3.18 -11.77 13.79
C GLN A 251 3.25 -13.25 13.44
N GLU A 252 4.06 -14.02 14.17
CA GLU A 252 4.17 -15.47 13.93
C GLU A 252 2.89 -16.14 14.41
N VAL A 253 2.48 -15.76 15.61
CA VAL A 253 1.28 -16.26 16.25
C VAL A 253 0.09 -16.05 15.32
N LEU A 254 -0.12 -14.82 14.87
CA LEU A 254 -1.23 -14.57 13.98
C LEU A 254 -1.11 -15.34 12.66
N THR A 255 0.09 -15.36 12.10
CA THR A 255 0.34 -16.07 10.83
C THR A 255 0.04 -17.57 10.98
N GLU A 256 0.45 -18.15 12.10
CA GLU A 256 0.20 -19.57 12.35
C GLU A 256 -1.31 -19.81 12.48
N MET A 257 -1.98 -19.00 13.30
CA MET A 257 -3.41 -19.21 13.46
C MET A 257 -4.25 -18.85 12.24
N SER A 258 -3.66 -18.16 11.27
CA SER A 258 -4.42 -17.81 10.06
C SER A 258 -4.02 -18.68 8.89
N ASN A 259 -3.10 -19.61 9.15
CA ASN A 259 -2.62 -20.54 8.12
C ASN A 259 -1.89 -19.79 7.03
N GLY A 260 -0.94 -18.95 7.42
CA GLY A 260 -0.15 -18.21 6.46
C GLY A 260 -0.42 -16.74 6.32
N GLY A 261 -1.18 -16.14 7.24
CA GLY A 261 -1.46 -14.71 7.17
C GLY A 261 -2.90 -14.30 6.93
N VAL A 262 -3.28 -13.17 7.51
CA VAL A 262 -4.63 -12.68 7.37
C VAL A 262 -4.87 -12.01 6.03
N ASP A 263 -6.13 -11.87 5.63
CA ASP A 263 -6.43 -11.20 4.38
C ASP A 263 -6.36 -9.68 4.56
N PHE A 264 -6.79 -9.21 5.75
CA PHE A 264 -6.82 -7.80 6.11
C PHE A 264 -6.40 -7.57 7.57
N SER A 265 -5.52 -6.60 7.79
CA SER A 265 -5.13 -6.27 9.16
C SER A 265 -5.23 -4.75 9.28
N PHE A 266 -5.53 -4.29 10.49
CA PHE A 266 -5.68 -2.87 10.74
C PHE A 266 -4.87 -2.46 11.95
N GLU A 267 -4.16 -1.34 11.83
CA GLU A 267 -3.38 -0.80 12.93
C GLU A 267 -4.24 0.37 13.43
N VAL A 268 -4.76 0.25 14.65
CA VAL A 268 -5.62 1.28 15.20
C VAL A 268 -5.17 1.67 16.60
N ILE A 269 -3.88 1.97 16.73
CA ILE A 269 -3.27 2.35 17.99
C ILE A 269 -2.49 3.66 17.79
N GLY A 270 -1.55 3.63 16.85
CA GLY A 270 -0.72 4.79 16.53
C GLY A 270 0.74 4.59 16.89
N ARG A 271 1.25 3.37 16.71
CA ARG A 271 2.63 3.04 17.03
C ARG A 271 3.40 2.58 15.80
N LEU A 272 4.66 2.96 15.71
CA LEU A 272 5.49 2.58 14.58
C LEU A 272 5.68 1.08 14.54
N ASP A 273 5.85 0.43 15.68
CA ASP A 273 6.07 -1.02 15.66
C ASP A 273 4.86 -1.85 15.27
N THR A 274 3.68 -1.55 15.81
CA THR A 274 2.48 -2.30 15.47
C THR A 274 2.05 -2.09 14.01
N MET A 275 2.48 -0.98 13.41
CA MET A 275 2.15 -0.71 12.00
C MET A 275 2.89 -1.71 11.10
N VAL A 276 4.18 -1.94 11.39
CA VAL A 276 4.98 -2.88 10.62
C VAL A 276 4.54 -4.29 10.96
N THR A 277 4.22 -4.54 12.22
CA THR A 277 3.75 -5.88 12.63
C THR A 277 2.41 -6.23 11.93
N ALA A 278 1.49 -5.28 11.89
CA ALA A 278 0.22 -5.49 11.23
C ALA A 278 0.43 -5.83 9.75
N LEU A 279 1.37 -5.15 9.11
CA LEU A 279 1.70 -5.40 7.71
C LEU A 279 2.20 -6.84 7.55
N SER A 280 3.13 -7.23 8.42
CA SER A 280 3.76 -8.55 8.38
C SER A 280 2.82 -9.73 8.50
N CYS A 281 1.81 -9.58 9.35
CA CYS A 281 0.88 -10.68 9.59
C CYS A 281 -0.17 -10.87 8.51
N CYS A 282 -0.23 -9.99 7.51
CA CYS A 282 -1.18 -10.18 6.44
C CYS A 282 -0.50 -11.00 5.32
N GLN A 283 -1.26 -11.90 4.69
CA GLN A 283 -0.75 -12.77 3.66
C GLN A 283 0.14 -12.00 2.68
N GLU A 284 1.35 -12.51 2.51
CA GLU A 284 2.39 -11.93 1.65
C GLU A 284 2.08 -11.69 0.17
N ALA A 285 1.20 -12.51 -0.41
CA ALA A 285 0.85 -12.40 -1.82
C ALA A 285 -0.35 -11.52 -2.15
N TYR A 286 -1.31 -11.46 -1.25
CA TYR A 286 -2.53 -10.68 -1.47
C TYR A 286 -3.08 -9.89 -0.26
N GLY A 287 -2.46 -10.02 0.90
CA GLY A 287 -2.94 -9.29 2.07
C GLY A 287 -2.90 -7.77 1.90
N VAL A 288 -3.75 -7.10 2.66
CA VAL A 288 -3.87 -5.64 2.65
C VAL A 288 -3.82 -5.18 4.11
N SER A 289 -3.02 -4.16 4.39
CA SER A 289 -2.91 -3.63 5.74
C SER A 289 -3.26 -2.14 5.68
N VAL A 290 -4.13 -1.70 6.59
CA VAL A 290 -4.54 -0.30 6.65
C VAL A 290 -4.09 0.33 7.97
N ILE A 291 -3.37 1.43 7.87
CA ILE A 291 -2.89 2.17 9.04
C ILE A 291 -3.99 3.16 9.41
N VAL A 292 -4.52 3.04 10.62
CA VAL A 292 -5.56 3.93 11.09
C VAL A 292 -5.10 4.82 12.26
N GLY A 293 -4.16 4.30 13.05
CA GLY A 293 -3.63 5.06 14.18
C GLY A 293 -2.74 6.22 13.77
N VAL A 294 -2.71 7.29 14.56
CA VAL A 294 -1.88 8.47 14.26
C VAL A 294 -0.51 8.27 14.92
N PRO A 295 0.57 8.30 14.11
CA PRO A 295 1.93 8.12 14.63
C PRO A 295 2.46 9.41 15.26
N PRO A 296 3.44 9.29 16.17
CA PRO A 296 4.00 10.48 16.80
C PRO A 296 4.67 11.35 15.74
N ASP A 297 4.55 12.65 15.91
CA ASP A 297 5.12 13.59 14.97
C ASP A 297 6.60 13.36 14.64
N SER A 298 6.91 13.49 13.35
CA SER A 298 8.27 13.37 12.85
C SER A 298 9.03 12.07 13.15
N GLN A 299 8.30 10.97 13.31
CA GLN A 299 8.94 9.68 13.57
C GLN A 299 8.82 8.84 12.32
N ASN A 300 9.92 8.21 11.94
CA ASN A 300 9.93 7.32 10.79
C ASN A 300 9.95 5.87 11.26
N LEU A 301 9.34 5.00 10.46
CA LEU A 301 9.38 3.59 10.76
C LEU A 301 10.39 2.92 9.82
N SER A 302 10.91 1.76 10.21
CA SER A 302 11.85 1.03 9.37
C SER A 302 11.18 -0.28 9.00
N MET A 303 11.34 -0.68 7.74
CA MET A 303 10.76 -1.92 7.26
C MET A 303 11.50 -2.40 6.02
N ASN A 304 11.33 -3.69 5.74
CA ASN A 304 11.96 -4.33 4.61
C ASN A 304 10.99 -4.25 3.43
N PRO A 305 11.37 -3.54 2.35
CA PRO A 305 10.48 -3.41 1.20
C PRO A 305 10.09 -4.73 0.51
N MET A 306 10.74 -5.81 0.91
CA MET A 306 10.47 -7.12 0.35
C MET A 306 9.08 -7.58 0.82
N LEU A 307 8.65 -7.01 1.95
CA LEU A 307 7.33 -7.32 2.49
C LEU A 307 6.26 -6.89 1.48
N LEU A 308 6.53 -5.82 0.74
CA LEU A 308 5.61 -5.29 -0.29
C LEU A 308 5.80 -5.98 -1.63
N LEU A 309 7.06 -6.26 -1.97
CA LEU A 309 7.38 -6.88 -3.24
C LEU A 309 6.65 -8.21 -3.50
N SER A 310 6.42 -9.02 -2.48
CA SER A 310 5.73 -10.29 -2.69
C SER A 310 4.29 -10.11 -3.12
N GLY A 311 3.75 -8.92 -2.88
CA GLY A 311 2.37 -8.64 -3.28
C GLY A 311 1.46 -8.01 -2.24
N ARG A 312 1.99 -7.61 -1.09
CA ARG A 312 1.17 -6.97 -0.06
C ARG A 312 0.78 -5.55 -0.45
N THR A 313 -0.34 -5.09 0.09
CA THR A 313 -0.79 -3.73 -0.15
C THR A 313 -0.90 -3.02 1.20
N TRP A 314 -0.27 -1.85 1.29
CA TRP A 314 -0.26 -1.02 2.49
C TRP A 314 -0.91 0.33 2.18
N LYS A 315 -1.81 0.75 3.06
CA LYS A 315 -2.52 2.01 2.87
C LYS A 315 -2.95 2.58 4.20
N GLY A 316 -3.20 3.88 4.22
CA GLY A 316 -3.67 4.56 5.41
C GLY A 316 -4.84 5.43 4.99
N ALA A 317 -5.62 5.88 5.96
CA ALA A 317 -6.77 6.73 5.66
C ALA A 317 -7.20 7.60 6.84
N ILE A 318 -7.77 8.74 6.47
CA ILE A 318 -8.29 9.70 7.41
C ILE A 318 -9.80 9.68 7.35
N PHE A 319 -10.43 9.57 8.52
CA PHE A 319 -11.90 9.57 8.61
C PHE A 319 -12.55 8.43 7.83
N GLY A 320 -11.88 7.27 7.84
CA GLY A 320 -12.40 6.09 7.17
C GLY A 320 -12.59 6.17 5.65
N GLY A 321 -11.88 7.10 5.02
CA GLY A 321 -12.02 7.26 3.58
C GLY A 321 -13.24 8.02 3.09
N PHE A 322 -14.14 8.37 4.00
CA PHE A 322 -15.38 9.08 3.66
C PHE A 322 -15.25 10.56 3.29
N LYS A 323 -15.86 10.98 2.18
CA LYS A 323 -15.92 12.38 1.80
C LYS A 323 -16.92 12.88 2.87
N SER A 324 -16.43 13.72 3.78
CA SER A 324 -17.18 14.19 4.94
C SER A 324 -18.58 14.76 4.87
N LYS A 325 -18.80 15.77 4.04
CA LYS A 325 -20.12 16.39 3.92
C LYS A 325 -21.16 15.46 3.30
N ASP A 326 -20.75 14.68 2.31
CA ASP A 326 -21.64 13.74 1.65
C ASP A 326 -22.01 12.54 2.51
N SER A 327 -21.05 12.07 3.30
CA SER A 327 -21.25 10.87 4.09
C SER A 327 -21.90 10.96 5.44
N VAL A 328 -21.48 11.93 6.25
CA VAL A 328 -22.01 12.06 7.60
C VAL A 328 -23.52 12.02 7.72
N PRO A 329 -24.24 12.78 6.87
CA PRO A 329 -25.70 12.70 7.01
C PRO A 329 -26.27 11.34 6.64
N LYS A 330 -25.64 10.65 5.69
CA LYS A 330 -26.11 9.33 5.32
C LYS A 330 -25.78 8.36 6.44
N LEU A 331 -24.66 8.59 7.11
CA LEU A 331 -24.26 7.72 8.22
C LEU A 331 -25.22 7.88 9.39
N VAL A 332 -25.71 9.09 9.58
CA VAL A 332 -26.66 9.37 10.66
C VAL A 332 -28.01 8.68 10.35
N ALA A 333 -28.43 8.77 9.09
CA ALA A 333 -29.69 8.15 8.68
C ALA A 333 -29.64 6.63 8.92
N ASP A 334 -28.54 6.00 8.49
CA ASP A 334 -28.39 4.57 8.67
C ASP A 334 -28.46 4.20 10.13
N PHE A 335 -27.90 5.06 10.96
CA PHE A 335 -27.92 4.82 12.39
C PHE A 335 -29.36 4.84 12.87
N MET A 336 -30.13 5.76 12.31
CA MET A 336 -31.54 5.93 12.65
C MET A 336 -32.32 4.69 12.22
N ALA A 337 -31.92 4.09 11.10
CA ALA A 337 -32.58 2.90 10.59
C ALA A 337 -32.04 1.62 11.20
N LYS A 338 -31.33 1.76 12.33
CA LYS A 338 -30.75 0.64 13.05
C LYS A 338 -29.76 -0.25 12.27
N LYS A 339 -29.01 0.36 11.35
CA LYS A 339 -28.01 -0.33 10.52
C LYS A 339 -26.73 -0.67 11.28
N PHE A 340 -26.49 0.02 12.38
CA PHE A 340 -25.33 -0.24 13.25
C PHE A 340 -25.65 0.30 14.65
N ALA A 341 -24.97 -0.20 15.68
CA ALA A 341 -25.21 0.28 17.06
C ALA A 341 -24.00 1.05 17.60
N LEU A 342 -24.25 2.19 18.24
CA LEU A 342 -23.18 3.02 18.81
C LEU A 342 -23.09 2.80 20.32
N ASP A 343 -24.19 2.32 20.90
CA ASP A 343 -24.24 2.08 22.34
C ASP A 343 -23.08 1.30 22.94
N PRO A 344 -22.65 0.21 22.27
CA PRO A 344 -21.54 -0.61 22.79
C PRO A 344 -20.22 0.16 23.00
N LEU A 345 -20.02 1.25 22.26
CA LEU A 345 -18.81 2.06 22.34
C LEU A 345 -18.80 3.06 23.51
N ILE A 346 -19.98 3.41 23.99
CA ILE A 346 -20.10 4.38 25.06
C ILE A 346 -20.09 3.73 26.43
N THR A 347 -19.03 3.97 27.17
CA THR A 347 -18.87 3.40 28.49
C THR A 347 -19.17 4.39 29.61
N HIS A 348 -18.94 5.67 29.37
CA HIS A 348 -19.19 6.68 30.39
C HIS A 348 -19.76 7.93 29.75
N VAL A 349 -20.63 8.62 30.49
CA VAL A 349 -21.22 9.88 30.05
C VAL A 349 -21.02 10.83 31.23
N LEU A 350 -20.26 11.88 30.99
CA LEU A 350 -19.92 12.85 32.01
C LEU A 350 -20.29 14.25 31.60
N PRO A 351 -20.50 15.16 32.56
CA PRO A 351 -20.83 16.52 32.11
C PRO A 351 -19.51 17.17 31.68
N PHE A 352 -19.59 18.15 30.79
CA PHE A 352 -18.42 18.85 30.25
C PHE A 352 -17.38 19.24 31.31
N GLU A 353 -17.85 19.59 32.50
CA GLU A 353 -16.98 20.01 33.60
C GLU A 353 -15.99 18.94 34.03
N LYS A 354 -16.30 17.70 33.77
CA LYS A 354 -15.40 16.62 34.15
C LYS A 354 -14.53 16.07 33.01
N ILE A 355 -14.17 16.95 32.08
CA ILE A 355 -13.32 16.57 30.94
C ILE A 355 -12.01 15.88 31.36
N ASN A 356 -11.34 16.42 32.36
CA ASN A 356 -10.08 15.86 32.84
C ASN A 356 -10.24 14.45 33.38
N GLU A 357 -11.33 14.19 34.08
CA GLU A 357 -11.60 12.85 34.61
C GLU A 357 -11.83 11.93 33.40
N GLY A 358 -12.46 12.51 32.37
CA GLY A 358 -12.71 11.79 31.14
C GLY A 358 -11.41 11.36 30.48
N PHE A 359 -10.44 12.26 30.38
CA PHE A 359 -9.16 11.89 29.79
C PHE A 359 -8.40 10.86 30.64
N ASP A 360 -8.64 10.85 31.96
CA ASP A 360 -8.02 9.90 32.87
C ASP A 360 -8.61 8.51 32.65
N LEU A 361 -9.91 8.44 32.43
CA LEU A 361 -10.55 7.16 32.16
C LEU A 361 -9.92 6.53 30.92
N LEU A 362 -9.65 7.34 29.90
CA LEU A 362 -9.05 6.85 28.65
C LEU A 362 -7.63 6.35 28.90
N ARG A 363 -6.82 7.17 29.58
CA ARG A 363 -5.43 6.81 29.86
C ARG A 363 -5.32 5.58 30.73
N SER A 364 -6.30 5.38 31.58
CA SER A 364 -6.32 4.24 32.48
C SER A 364 -6.78 2.97 31.78
N GLY A 365 -7.33 3.11 30.58
CA GLY A 365 -7.83 1.95 29.87
C GLY A 365 -9.16 1.54 30.46
N GLU A 366 -9.72 2.42 31.29
CA GLU A 366 -10.99 2.16 31.95
C GLU A 366 -12.20 2.35 31.06
N SER A 367 -12.11 3.25 30.09
CA SER A 367 -13.24 3.50 29.20
C SER A 367 -12.92 3.18 27.75
N ILE A 368 -13.96 3.15 26.93
CA ILE A 368 -13.83 2.98 25.48
C ILE A 368 -14.08 4.43 25.07
N ARG A 369 -15.34 4.81 24.85
CA ARG A 369 -15.66 6.21 24.52
C ARG A 369 -16.43 6.88 25.64
N THR A 370 -15.93 8.01 26.09
CA THR A 370 -16.64 8.77 27.11
C THR A 370 -17.26 9.95 26.37
N ILE A 371 -18.54 10.19 26.57
CA ILE A 371 -19.23 11.32 25.95
C ILE A 371 -19.42 12.38 27.02
N LEU A 372 -19.03 13.60 26.73
CA LEU A 372 -19.19 14.72 27.66
C LEU A 372 -20.42 15.49 27.23
N THR A 373 -21.28 15.79 28.19
CA THR A 373 -22.51 16.50 27.91
C THR A 373 -22.43 17.93 28.43
N PHE A 374 -22.98 18.88 27.67
CA PHE A 374 -22.94 20.30 28.03
C PHE A 374 -24.17 20.77 28.79
N SER B 1 17.05 -39.93 -28.78
CA SER B 1 18.54 -39.87 -28.87
C SER B 1 19.10 -39.49 -27.50
N THR B 2 18.77 -38.28 -27.06
CA THR B 2 19.24 -37.77 -25.78
C THR B 2 18.32 -38.22 -24.65
N ALA B 3 17.06 -38.43 -24.98
CA ALA B 3 16.04 -38.84 -24.03
C ALA B 3 16.55 -39.95 -23.11
N GLY B 4 16.42 -39.71 -21.80
CA GLY B 4 16.85 -40.67 -20.80
C GLY B 4 18.33 -40.68 -20.51
N LYS B 5 19.08 -39.80 -21.15
CA LYS B 5 20.53 -39.74 -20.97
C LYS B 5 21.02 -38.43 -20.39
N VAL B 6 22.06 -38.52 -19.59
CA VAL B 6 22.72 -37.38 -19.00
C VAL B 6 23.30 -36.63 -20.20
N ILE B 7 23.00 -35.35 -20.32
CA ILE B 7 23.54 -34.56 -21.42
C ILE B 7 24.74 -33.77 -20.92
N LYS B 8 25.76 -33.65 -21.76
CA LYS B 8 26.95 -32.86 -21.44
C LYS B 8 26.75 -31.69 -22.35
N CYS B 9 26.78 -30.49 -21.80
CA CYS B 9 26.57 -29.31 -22.63
C CYS B 9 27.29 -28.16 -21.97
N LYS B 10 27.17 -27.00 -22.58
CA LYS B 10 27.79 -25.79 -22.06
C LYS B 10 26.75 -25.00 -21.26
N ALA B 11 27.23 -24.36 -20.20
CA ALA B 11 26.40 -23.56 -19.33
C ALA B 11 27.32 -22.52 -18.72
N ALA B 12 26.77 -21.36 -18.39
CA ALA B 12 27.51 -20.28 -17.77
C ALA B 12 27.35 -20.46 -16.26
N VAL B 13 28.42 -20.86 -15.58
CA VAL B 13 28.37 -21.09 -14.15
C VAL B 13 28.98 -19.93 -13.38
N LEU B 14 28.32 -19.52 -12.29
CA LEU B 14 28.84 -18.46 -11.43
C LEU B 14 29.27 -19.21 -10.17
N TRP B 15 30.58 -19.28 -9.94
CA TRP B 15 31.13 -19.96 -8.76
C TRP B 15 31.25 -19.05 -7.56
N GLU B 16 31.59 -17.78 -7.81
CA GLU B 16 31.75 -16.75 -6.77
C GLU B 16 31.04 -15.49 -7.21
N GLU B 17 30.59 -14.70 -6.24
CA GLU B 17 29.94 -13.45 -6.59
C GLU B 17 31.01 -12.46 -7.04
N LYS B 18 30.58 -11.45 -7.78
CA LYS B 18 31.46 -10.42 -8.30
C LYS B 18 32.50 -10.94 -9.29
N LYS B 19 32.23 -12.13 -9.85
CA LYS B 19 33.11 -12.74 -10.84
C LYS B 19 32.37 -12.84 -12.16
N PRO B 20 33.11 -13.11 -13.25
CA PRO B 20 32.45 -13.24 -14.55
C PRO B 20 31.85 -14.64 -14.62
N PHE B 21 30.91 -14.86 -15.53
CA PHE B 21 30.32 -16.19 -15.71
C PHE B 21 31.35 -17.00 -16.49
N SER B 22 31.58 -18.24 -16.09
CA SER B 22 32.54 -19.05 -16.82
C SER B 22 31.77 -20.12 -17.54
N ILE B 23 31.88 -20.13 -18.86
CA ILE B 23 31.21 -21.13 -19.69
C ILE B 23 31.94 -22.43 -19.35
N GLU B 24 31.20 -23.41 -18.88
CA GLU B 24 31.78 -24.67 -18.50
C GLU B 24 31.00 -25.77 -19.19
N GLU B 25 31.48 -27.00 -19.07
CA GLU B 25 30.79 -28.15 -19.61
C GLU B 25 30.16 -28.71 -18.36
N VAL B 26 28.86 -28.88 -18.40
CA VAL B 26 28.12 -29.39 -17.26
C VAL B 26 27.41 -30.64 -17.70
N GLU B 27 26.94 -31.43 -16.74
CA GLU B 27 26.20 -32.62 -17.04
C GLU B 27 24.79 -32.40 -16.53
N VAL B 28 23.84 -32.35 -17.45
CA VAL B 28 22.45 -32.15 -17.12
C VAL B 28 21.78 -33.52 -17.04
N ALA B 29 21.38 -33.91 -15.83
CA ALA B 29 20.70 -35.18 -15.64
C ALA B 29 19.34 -35.21 -16.37
N PRO B 30 18.82 -36.41 -16.64
CA PRO B 30 17.53 -36.49 -17.32
C PRO B 30 16.41 -36.06 -16.36
N PRO B 31 15.27 -35.62 -16.89
CA PRO B 31 14.16 -35.20 -16.04
C PRO B 31 13.52 -36.32 -15.22
N LYS B 32 13.37 -36.08 -13.92
CA LYS B 32 12.73 -37.05 -13.04
C LYS B 32 11.20 -36.89 -13.18
N ALA B 33 10.45 -37.61 -12.35
CA ALA B 33 8.99 -37.55 -12.40
C ALA B 33 8.48 -36.12 -12.31
N HIS B 34 7.64 -35.73 -13.24
CA HIS B 34 7.04 -34.38 -13.24
C HIS B 34 7.98 -33.24 -13.58
N GLU B 35 9.11 -33.54 -14.21
CA GLU B 35 10.07 -32.51 -14.58
C GLU B 35 10.16 -32.45 -16.09
N VAL B 36 10.74 -31.39 -16.62
CA VAL B 36 10.87 -31.22 -18.06
C VAL B 36 12.26 -30.70 -18.41
N ARG B 37 12.90 -31.33 -19.41
CA ARG B 37 14.22 -30.89 -19.85
C ARG B 37 13.96 -30.06 -21.08
N ILE B 38 14.60 -28.91 -21.14
CA ILE B 38 14.39 -27.97 -22.24
C ILE B 38 15.69 -27.59 -22.94
N LYS B 39 15.65 -27.44 -24.25
CA LYS B 39 16.81 -27.02 -24.99
C LYS B 39 16.59 -25.53 -25.17
N MET B 40 17.51 -24.71 -24.67
CA MET B 40 17.39 -23.26 -24.77
C MET B 40 17.66 -22.72 -26.16
N VAL B 41 16.87 -21.74 -26.55
CA VAL B 41 16.97 -21.13 -27.86
C VAL B 41 17.35 -19.65 -27.72
N ALA B 42 16.73 -18.98 -26.75
CA ALA B 42 16.98 -17.57 -26.51
C ALA B 42 16.72 -17.23 -25.04
N THR B 43 17.61 -16.44 -24.44
CA THR B 43 17.45 -16.03 -23.06
C THR B 43 17.84 -14.54 -22.95
N GLY B 44 17.07 -13.78 -22.19
CA GLY B 44 17.38 -12.37 -22.03
C GLY B 44 18.20 -12.14 -20.78
N ILE B 45 18.92 -11.03 -20.75
CA ILE B 45 19.73 -10.65 -19.59
C ILE B 45 19.00 -9.59 -18.76
N CYS B 46 18.36 -10.03 -17.69
CA CYS B 46 17.60 -9.14 -16.80
C CYS B 46 18.51 -8.65 -15.65
N ARG B 47 18.23 -7.45 -15.13
CA ARG B 47 19.01 -6.91 -14.02
C ARG B 47 19.09 -7.84 -12.81
N SER B 48 18.01 -8.57 -12.52
CA SER B 48 17.98 -9.49 -11.39
C SER B 48 19.06 -10.57 -11.50
N ASP B 49 19.49 -10.85 -12.74
CA ASP B 49 20.52 -11.85 -12.97
C ASP B 49 21.82 -11.22 -12.49
N ASP B 50 21.98 -9.93 -12.81
CA ASP B 50 23.15 -9.18 -12.40
C ASP B 50 23.18 -9.00 -10.88
N HIS B 51 22.01 -8.93 -10.23
CA HIS B 51 21.92 -8.80 -8.77
C HIS B 51 22.56 -10.02 -8.13
N VAL B 52 22.39 -11.17 -8.74
CA VAL B 52 22.96 -12.39 -8.19
C VAL B 52 24.50 -12.22 -8.17
N VAL B 53 25.05 -11.71 -9.26
CA VAL B 53 26.49 -11.51 -9.35
C VAL B 53 26.96 -10.47 -8.36
N SER B 54 26.26 -9.35 -8.32
CA SER B 54 26.58 -8.24 -7.42
C SER B 54 26.54 -8.57 -5.95
N GLY B 55 25.79 -9.61 -5.59
CA GLY B 55 25.65 -9.97 -4.19
C GLY B 55 24.41 -9.30 -3.60
N THR B 56 23.75 -8.47 -4.39
CA THR B 56 22.51 -7.77 -3.99
C THR B 56 21.43 -8.79 -3.62
N LEU B 57 21.33 -9.83 -4.44
CA LEU B 57 20.36 -10.88 -4.30
C LEU B 57 21.12 -12.16 -3.89
N VAL B 58 20.86 -12.63 -2.68
CA VAL B 58 21.52 -13.81 -2.13
C VAL B 58 20.84 -15.09 -2.60
N THR B 59 21.63 -16.02 -3.11
CA THR B 59 21.11 -17.30 -3.57
C THR B 59 22.28 -18.26 -3.46
N PRO B 60 22.00 -19.56 -3.24
CA PRO B 60 23.10 -20.52 -3.13
C PRO B 60 24.03 -20.60 -4.37
N LEU B 61 25.34 -20.45 -4.14
CA LEU B 61 26.38 -20.52 -5.19
C LEU B 61 27.17 -21.83 -4.98
N PRO B 62 27.76 -22.41 -6.05
CA PRO B 62 27.76 -21.96 -7.44
C PRO B 62 26.35 -22.15 -7.98
N VAL B 63 26.04 -21.41 -9.03
CA VAL B 63 24.69 -21.48 -9.57
C VAL B 63 24.71 -21.16 -11.07
N ILE B 64 23.66 -21.61 -11.74
CA ILE B 64 23.48 -21.32 -13.16
C ILE B 64 22.27 -20.40 -13.11
N ALA B 65 22.48 -19.12 -13.31
CA ALA B 65 21.38 -18.15 -13.28
C ALA B 65 20.60 -18.18 -14.59
N GLY B 66 19.87 -17.09 -14.86
CA GLY B 66 19.05 -17.01 -16.05
C GLY B 66 17.63 -17.40 -15.70
N HIS B 67 16.67 -16.56 -16.09
CA HIS B 67 15.25 -16.83 -15.80
C HIS B 67 14.26 -16.28 -16.85
N GLU B 68 14.76 -15.47 -17.78
CA GLU B 68 13.98 -14.86 -18.85
C GLU B 68 14.42 -15.58 -20.13
N ALA B 69 13.61 -16.49 -20.63
CA ALA B 69 14.01 -17.25 -21.80
C ALA B 69 12.86 -17.97 -22.50
N ALA B 70 13.21 -18.70 -23.56
CA ALA B 70 12.27 -19.47 -24.35
C ALA B 70 13.08 -20.57 -25.03
N GLY B 71 12.52 -21.78 -25.09
CA GLY B 71 13.21 -22.92 -25.71
C GLY B 71 12.29 -23.94 -26.34
N ILE B 72 12.75 -25.19 -26.40
CA ILE B 72 12.02 -26.31 -26.99
C ILE B 72 12.10 -27.52 -26.07
N VAL B 73 10.98 -28.21 -25.83
CA VAL B 73 10.99 -29.38 -24.96
C VAL B 73 11.71 -30.58 -25.59
N GLU B 74 12.78 -31.03 -24.96
CA GLU B 74 13.56 -32.18 -25.43
C GLU B 74 12.96 -33.50 -24.92
N SER B 75 12.75 -33.61 -23.62
CA SER B 75 12.14 -34.79 -23.01
C SER B 75 11.38 -34.35 -21.77
N ILE B 76 10.45 -35.19 -21.34
CA ILE B 76 9.64 -34.90 -20.17
C ILE B 76 9.77 -36.07 -19.21
N GLY B 77 9.63 -35.80 -17.93
CA GLY B 77 9.72 -36.85 -16.94
C GLY B 77 8.38 -37.57 -16.83
N GLU B 78 8.36 -38.59 -15.99
CA GLU B 78 7.18 -39.41 -15.75
C GLU B 78 6.10 -38.56 -15.07
N GLY B 79 4.90 -38.58 -15.64
CA GLY B 79 3.80 -37.83 -15.07
C GLY B 79 3.44 -36.50 -15.71
N VAL B 80 4.31 -36.01 -16.61
CA VAL B 80 4.08 -34.73 -17.28
C VAL B 80 2.95 -34.79 -18.28
N THR B 81 2.03 -33.83 -18.19
CA THR B 81 0.85 -33.77 -19.05
C THR B 81 0.76 -32.49 -19.85
N THR B 82 1.18 -31.40 -19.23
CA THR B 82 1.11 -30.07 -19.82
C THR B 82 1.88 -29.85 -21.11
N VAL B 83 2.99 -30.58 -21.28
CA VAL B 83 3.81 -30.42 -22.46
C VAL B 83 4.38 -31.74 -22.91
N ARG B 84 4.96 -31.73 -24.10
CA ARG B 84 5.56 -32.93 -24.69
C ARG B 84 6.68 -32.47 -25.62
N PRO B 85 7.63 -33.36 -25.92
CA PRO B 85 8.78 -33.09 -26.79
C PRO B 85 8.45 -32.33 -28.07
N GLY B 86 9.25 -31.32 -28.38
CA GLY B 86 9.05 -30.52 -29.57
C GLY B 86 8.31 -29.22 -29.31
N ASP B 87 7.67 -29.14 -28.15
CA ASP B 87 6.91 -27.97 -27.75
C ASP B 87 7.79 -26.75 -27.48
N LYS B 88 7.25 -25.59 -27.82
CA LYS B 88 7.95 -24.34 -27.54
C LYS B 88 7.47 -23.97 -26.14
N VAL B 89 8.40 -23.61 -25.25
CA VAL B 89 8.02 -23.27 -23.90
C VAL B 89 8.81 -22.10 -23.31
N ILE B 90 8.19 -21.45 -22.33
CA ILE B 90 8.82 -20.35 -21.61
C ILE B 90 8.87 -20.80 -20.14
N PRO B 91 10.08 -20.93 -19.57
CA PRO B 91 10.26 -21.33 -18.17
C PRO B 91 9.69 -20.19 -17.30
N LEU B 92 9.01 -20.52 -16.21
CA LEU B 92 8.40 -19.53 -15.34
C LEU B 92 9.08 -19.46 -13.96
N PHE B 93 9.73 -18.35 -13.67
CA PHE B 93 10.43 -18.20 -12.38
C PHE B 93 9.48 -18.12 -11.19
N THR B 94 8.24 -17.71 -11.44
CA THR B 94 7.21 -17.68 -10.41
C THR B 94 6.33 -18.84 -10.87
N PRO B 95 6.40 -19.98 -10.17
CA PRO B 95 5.58 -21.12 -10.59
C PRO B 95 4.07 -20.89 -10.41
N GLN B 96 3.29 -21.91 -10.75
CA GLN B 96 1.87 -21.89 -10.56
C GLN B 96 1.44 -23.33 -10.34
N CYS B 97 1.59 -23.80 -9.12
CA CYS B 97 1.23 -25.17 -8.78
C CYS B 97 -0.28 -25.38 -8.87
N GLY B 98 -1.03 -24.29 -8.78
CA GLY B 98 -2.48 -24.37 -8.86
C GLY B 98 -3.12 -25.08 -7.69
N LYS B 99 -2.36 -25.33 -6.64
CA LYS B 99 -2.89 -26.05 -5.48
C LYS B 99 -2.82 -25.30 -4.16
N CYS B 100 -1.90 -24.36 -4.02
CA CYS B 100 -1.77 -23.63 -2.77
C CYS B 100 -2.78 -22.50 -2.63
N ARG B 101 -2.85 -21.92 -1.42
CA ARG B 101 -3.81 -20.85 -1.13
C ARG B 101 -3.67 -19.67 -2.06
N VAL B 102 -2.45 -19.33 -2.45
CA VAL B 102 -2.21 -18.22 -3.35
C VAL B 102 -2.72 -18.54 -4.75
N CYS B 103 -2.38 -19.71 -5.27
CA CYS B 103 -2.83 -20.09 -6.62
C CYS B 103 -4.35 -20.16 -6.72
N LYS B 104 -4.99 -20.52 -5.60
CA LYS B 104 -6.45 -20.61 -5.55
C LYS B 104 -7.12 -19.23 -5.38
N HIS B 105 -6.35 -18.21 -4.99
CA HIS B 105 -6.86 -16.86 -4.80
C HIS B 105 -6.93 -16.08 -6.13
N PRO B 106 -8.04 -15.37 -6.38
CA PRO B 106 -8.27 -14.59 -7.58
C PRO B 106 -7.14 -13.66 -8.02
N GLU B 107 -6.47 -13.04 -7.06
CA GLU B 107 -5.44 -12.08 -7.40
C GLU B 107 -3.98 -12.31 -6.99
N GLY B 108 -3.75 -13.29 -6.12
CA GLY B 108 -2.38 -13.55 -5.73
C GLY B 108 -1.69 -14.33 -6.83
N ASN B 109 -0.43 -14.03 -7.12
CA ASN B 109 0.29 -14.77 -8.16
C ASN B 109 1.59 -15.36 -7.60
N PHE B 110 1.90 -15.04 -6.35
CA PHE B 110 3.12 -15.50 -5.71
C PHE B 110 2.94 -16.89 -5.12
N CYS B 111 2.91 -17.87 -6.01
CA CYS B 111 2.73 -19.28 -5.65
C CYS B 111 3.66 -19.72 -4.54
N LEU B 112 3.13 -20.41 -3.53
CA LEU B 112 3.95 -20.89 -2.41
C LEU B 112 5.11 -21.84 -2.77
N LYS B 113 5.06 -22.45 -3.95
CA LYS B 113 6.13 -23.36 -4.39
C LYS B 113 7.29 -22.59 -5.01
N ASN B 114 7.31 -21.28 -4.83
CA ASN B 114 8.37 -20.46 -5.40
C ASN B 114 9.67 -20.74 -4.66
N ASP B 115 10.79 -20.36 -5.29
CA ASP B 115 12.12 -20.52 -4.70
C ASP B 115 12.73 -19.10 -4.66
N LEU B 116 11.88 -18.11 -4.38
CA LEU B 116 12.33 -16.73 -4.31
C LEU B 116 12.51 -16.22 -2.89
N SER B 117 11.50 -16.38 -2.05
CA SER B 117 11.56 -15.89 -0.67
C SER B 117 12.78 -16.39 0.11
N MET B 118 13.00 -17.71 0.07
CA MET B 118 14.13 -18.36 0.73
C MET B 118 14.64 -19.35 -0.30
N PRO B 119 15.55 -18.91 -1.17
CA PRO B 119 16.15 -19.69 -2.25
C PRO B 119 16.90 -20.89 -1.73
N ARG B 120 16.70 -22.01 -2.39
CA ARG B 120 17.36 -23.25 -2.02
C ARG B 120 18.28 -23.67 -3.15
N GLY B 121 17.91 -23.28 -4.37
CA GLY B 121 18.71 -23.62 -5.53
C GLY B 121 18.68 -25.08 -5.90
N THR B 122 17.52 -25.70 -5.70
CA THR B 122 17.33 -27.11 -6.01
C THR B 122 16.01 -27.29 -6.75
N MET B 123 15.69 -28.54 -7.05
CA MET B 123 14.45 -28.91 -7.71
C MET B 123 13.44 -29.13 -6.58
N GLN B 124 12.18 -29.34 -6.93
CA GLN B 124 11.15 -29.52 -5.90
C GLN B 124 11.46 -30.62 -4.89
N ASP B 125 12.27 -31.59 -5.27
CA ASP B 125 12.64 -32.69 -4.38
C ASP B 125 13.90 -32.36 -3.60
N GLY B 126 14.29 -31.09 -3.62
CA GLY B 126 15.48 -30.64 -2.91
C GLY B 126 16.82 -31.10 -3.44
N THR B 127 16.89 -31.50 -4.71
CA THR B 127 18.16 -31.94 -5.30
C THR B 127 18.47 -31.14 -6.58
N SER B 128 19.71 -31.22 -7.06
CA SER B 128 20.09 -30.52 -8.28
C SER B 128 20.22 -31.50 -9.45
N ARG B 129 20.12 -30.98 -10.68
CA ARG B 129 20.23 -31.80 -11.90
C ARG B 129 21.47 -31.38 -12.69
N PHE B 130 22.29 -30.51 -12.09
CA PHE B 130 23.51 -30.01 -12.73
C PHE B 130 24.76 -30.43 -11.98
N THR B 131 25.75 -30.90 -12.72
CA THR B 131 27.01 -31.28 -12.11
C THR B 131 28.15 -30.72 -12.96
N CYS B 132 29.16 -30.19 -12.31
CA CYS B 132 30.31 -29.63 -12.99
C CYS B 132 31.54 -30.12 -12.24
N ARG B 133 32.37 -30.91 -12.91
CA ARG B 133 33.58 -31.47 -12.29
C ARG B 133 33.19 -32.31 -11.07
N GLY B 134 32.10 -33.07 -11.17
CA GLY B 134 31.67 -33.86 -10.05
C GLY B 134 31.08 -33.04 -8.90
N LYS B 135 30.90 -31.74 -9.12
CA LYS B 135 30.33 -30.86 -8.09
C LYS B 135 28.93 -30.45 -8.53
N PRO B 136 27.94 -30.61 -7.65
CA PRO B 136 26.58 -30.21 -8.01
C PRO B 136 26.48 -28.69 -8.01
N ILE B 137 25.84 -28.14 -9.02
CA ILE B 137 25.66 -26.70 -9.17
C ILE B 137 24.18 -26.39 -8.90
N HIS B 138 23.88 -25.30 -8.20
CA HIS B 138 22.48 -24.96 -7.89
C HIS B 138 21.67 -24.43 -9.07
N HIS B 139 20.35 -24.59 -8.96
CA HIS B 139 19.43 -24.07 -9.96
C HIS B 139 19.13 -22.63 -9.49
N PHE B 140 18.43 -21.87 -10.30
CA PHE B 140 18.08 -20.49 -9.95
C PHE B 140 16.60 -20.31 -10.24
N LEU B 141 15.81 -20.05 -9.22
CA LEU B 141 14.36 -19.85 -9.35
C LEU B 141 13.69 -21.05 -10.01
N GLY B 142 14.36 -22.19 -9.99
CA GLY B 142 13.80 -23.37 -10.62
C GLY B 142 13.79 -23.21 -12.13
N THR B 143 14.57 -22.26 -12.64
CA THR B 143 14.65 -22.03 -14.08
C THR B 143 16.08 -22.29 -14.62
N SER B 144 17.06 -21.51 -14.16
CA SER B 144 18.45 -21.65 -14.61
C SER B 144 18.55 -21.71 -16.13
N THR B 145 18.25 -20.61 -16.79
CA THR B 145 18.26 -20.60 -18.25
C THR B 145 19.60 -20.32 -18.97
N PHE B 146 20.65 -20.03 -18.20
CA PHE B 146 21.95 -19.78 -18.83
C PHE B 146 22.62 -21.15 -19.02
N SER B 147 21.99 -22.02 -19.81
CA SER B 147 22.52 -23.35 -20.09
C SER B 147 21.89 -23.84 -21.38
N GLN B 148 22.64 -24.60 -22.17
CA GLN B 148 22.10 -25.08 -23.44
C GLN B 148 20.89 -25.97 -23.19
N TYR B 149 20.86 -26.60 -22.03
CA TYR B 149 19.76 -27.45 -21.62
C TYR B 149 19.47 -27.19 -20.15
N THR B 150 18.24 -27.37 -19.72
CA THR B 150 17.90 -27.18 -18.31
C THR B 150 16.74 -28.07 -17.94
N VAL B 151 16.59 -28.30 -16.64
CA VAL B 151 15.50 -29.13 -16.14
C VAL B 151 14.66 -28.25 -15.20
N VAL B 152 13.38 -28.10 -15.54
CA VAL B 152 12.47 -27.31 -14.71
C VAL B 152 11.32 -28.21 -14.29
N ASP B 153 10.59 -27.79 -13.26
CA ASP B 153 9.47 -28.56 -12.78
C ASP B 153 8.29 -28.27 -13.68
N GLU B 154 7.33 -29.19 -13.71
CA GLU B 154 6.16 -29.00 -14.55
C GLU B 154 5.41 -27.72 -14.16
N ILE B 155 5.37 -27.42 -12.87
CA ILE B 155 4.68 -26.21 -12.42
C ILE B 155 5.39 -24.92 -12.84
N SER B 156 6.61 -25.05 -13.33
CA SER B 156 7.41 -23.90 -13.73
C SER B 156 7.63 -23.79 -15.23
N VAL B 157 6.64 -24.20 -16.01
CA VAL B 157 6.76 -24.10 -17.47
C VAL B 157 5.40 -23.91 -18.13
N ALA B 158 5.37 -23.11 -19.20
CA ALA B 158 4.13 -22.87 -19.94
C ALA B 158 4.39 -23.14 -21.43
N LYS B 159 3.50 -23.91 -22.05
CA LYS B 159 3.62 -24.21 -23.48
C LYS B 159 3.14 -22.96 -24.21
N ILE B 160 3.88 -22.53 -25.21
CA ILE B 160 3.48 -21.35 -25.98
C ILE B 160 3.27 -21.67 -27.47
N ASP B 161 2.71 -20.69 -28.17
CA ASP B 161 2.41 -20.78 -29.60
C ASP B 161 3.58 -21.32 -30.43
N ALA B 162 3.37 -22.48 -31.05
CA ALA B 162 4.39 -23.13 -31.88
C ALA B 162 4.95 -22.25 -32.99
N ALA B 163 4.26 -21.18 -33.34
CA ALA B 163 4.72 -20.30 -34.40
C ALA B 163 5.37 -19.03 -33.87
N SER B 164 5.49 -18.91 -32.55
CA SER B 164 6.09 -17.71 -31.96
C SER B 164 7.60 -17.56 -32.11
N PRO B 165 8.08 -16.32 -32.30
CA PRO B 165 9.52 -16.03 -32.47
C PRO B 165 10.23 -16.16 -31.11
N LEU B 166 10.82 -17.31 -30.83
CA LEU B 166 11.49 -17.55 -29.55
C LEU B 166 12.51 -16.48 -29.18
N GLU B 167 13.19 -15.91 -30.17
CA GLU B 167 14.18 -14.88 -29.91
C GLU B 167 13.59 -13.53 -29.47
N LYS B 168 12.26 -13.41 -29.51
CA LYS B 168 11.59 -12.18 -29.06
C LYS B 168 10.68 -12.47 -27.86
N VAL B 169 9.84 -13.49 -27.97
CA VAL B 169 8.91 -13.82 -26.90
C VAL B 169 9.57 -14.21 -25.57
N CYS B 170 10.90 -14.35 -25.56
CA CYS B 170 11.61 -14.69 -24.33
C CYS B 170 11.43 -13.57 -23.29
N LEU B 171 11.21 -12.35 -23.77
CA LEU B 171 10.98 -11.18 -22.92
C LEU B 171 9.71 -11.30 -22.09
N ILE B 172 8.85 -12.22 -22.49
CA ILE B 172 7.60 -12.49 -21.79
C ILE B 172 7.84 -13.38 -20.54
N GLY B 173 9.07 -13.89 -20.40
CA GLY B 173 9.42 -14.69 -19.25
C GLY B 173 9.69 -13.82 -18.02
N CYS B 174 9.91 -12.53 -18.21
CA CYS B 174 10.16 -11.61 -17.11
C CYS B 174 9.93 -10.13 -17.46
N GLY B 175 10.95 -9.47 -17.96
CA GLY B 175 10.87 -8.06 -18.32
C GLY B 175 9.55 -7.51 -18.83
N PHE B 176 9.07 -8.01 -19.96
CA PHE B 176 7.83 -7.47 -20.50
C PHE B 176 6.65 -7.67 -19.60
N SER B 177 6.33 -8.91 -19.34
CA SER B 177 5.18 -9.22 -18.51
C SER B 177 5.21 -8.50 -17.16
N THR B 178 6.40 -8.35 -16.60
CA THR B 178 6.52 -7.66 -15.31
C THR B 178 6.14 -6.20 -15.45
N GLY B 179 6.75 -5.51 -16.42
CA GLY B 179 6.45 -4.11 -16.62
C GLY B 179 5.00 -3.82 -16.99
N TYR B 180 4.52 -4.50 -18.02
CA TYR B 180 3.16 -4.34 -18.53
C TYR B 180 2.11 -4.52 -17.42
N GLY B 181 2.12 -5.70 -16.80
CA GLY B 181 1.17 -6.00 -15.71
C GLY B 181 1.28 -5.12 -14.48
N SER B 182 2.47 -4.55 -14.20
CA SER B 182 2.64 -3.68 -13.05
C SER B 182 1.78 -2.43 -13.24
N ALA B 183 1.71 -1.94 -14.47
CA ALA B 183 0.92 -0.77 -14.80
C ALA B 183 -0.55 -1.15 -14.98
N VAL B 184 -0.78 -2.11 -15.86
CA VAL B 184 -2.11 -2.60 -16.19
C VAL B 184 -2.85 -3.41 -15.12
N LYS B 185 -2.15 -4.33 -14.47
CA LYS B 185 -2.75 -5.19 -13.46
C LYS B 185 -2.57 -4.83 -11.98
N VAL B 186 -1.36 -4.46 -11.58
CA VAL B 186 -1.10 -4.14 -10.18
C VAL B 186 -1.62 -2.73 -9.84
N ALA B 187 -1.12 -1.73 -10.54
CA ALA B 187 -1.51 -0.34 -10.29
C ALA B 187 -2.87 0.01 -10.86
N LYS B 188 -3.25 -0.71 -11.92
CA LYS B 188 -4.52 -0.50 -12.62
C LYS B 188 -4.65 0.98 -12.97
N VAL B 189 -3.66 1.43 -13.74
CA VAL B 189 -3.55 2.80 -14.23
C VAL B 189 -4.81 3.19 -14.99
N THR B 190 -5.36 4.35 -14.65
CA THR B 190 -6.57 4.84 -15.26
C THR B 190 -6.34 5.82 -16.41
N GLN B 191 -7.33 5.91 -17.28
CA GLN B 191 -7.28 6.80 -18.44
C GLN B 191 -7.19 8.26 -18.05
N GLY B 192 -6.33 9.01 -18.74
CA GLY B 192 -6.20 10.43 -18.45
C GLY B 192 -5.23 10.74 -17.32
N SER B 193 -4.82 9.72 -16.57
CA SER B 193 -3.92 9.91 -15.45
C SER B 193 -2.48 10.32 -15.79
N THR B 194 -1.76 10.76 -14.77
CA THR B 194 -0.37 11.15 -14.89
C THR B 194 0.41 10.06 -14.18
N CYS B 195 1.41 9.50 -14.86
CA CYS B 195 2.24 8.45 -14.32
C CYS B 195 3.69 8.89 -14.28
N ALA B 196 4.42 8.37 -13.29
CA ALA B 196 5.84 8.67 -13.14
C ALA B 196 6.52 7.30 -13.04
N VAL B 197 7.57 7.11 -13.83
CA VAL B 197 8.32 5.86 -13.86
C VAL B 197 9.80 6.08 -13.62
N PHE B 198 10.27 5.60 -12.48
CA PHE B 198 11.67 5.70 -12.08
C PHE B 198 12.43 4.49 -12.60
N GLY B 199 13.38 4.73 -13.49
CA GLY B 199 14.16 3.64 -14.05
C GLY B 199 13.65 3.34 -15.43
N LEU B 200 14.48 3.53 -16.46
CA LEU B 200 14.04 3.29 -17.82
C LEU B 200 14.84 2.17 -18.51
N GLY B 201 14.88 1.00 -17.90
CA GLY B 201 15.58 -0.12 -18.48
C GLY B 201 14.50 -0.96 -19.14
N GLY B 202 14.80 -2.22 -19.44
CA GLY B 202 13.79 -3.05 -20.08
C GLY B 202 12.46 -3.11 -19.37
N VAL B 203 12.51 -3.28 -18.04
CA VAL B 203 11.28 -3.38 -17.26
C VAL B 203 10.56 -2.04 -17.18
N GLY B 204 11.30 -0.93 -17.00
CA GLY B 204 10.68 0.38 -16.93
C GLY B 204 9.96 0.75 -18.22
N LEU B 205 10.62 0.54 -19.36
CA LEU B 205 10.03 0.84 -20.66
C LEU B 205 8.75 0.00 -20.85
N SER B 206 8.76 -1.22 -20.34
CA SER B 206 7.58 -2.05 -20.43
C SER B 206 6.47 -1.48 -19.51
N VAL B 207 6.87 -0.76 -18.45
CA VAL B 207 5.90 -0.16 -17.54
C VAL B 207 5.27 0.98 -18.33
N ILE B 208 6.10 1.76 -19.01
CA ILE B 208 5.60 2.86 -19.83
C ILE B 208 4.63 2.31 -20.89
N MET B 209 4.95 1.14 -21.44
CA MET B 209 4.09 0.49 -22.42
C MET B 209 2.72 0.21 -21.80
N GLY B 210 2.73 -0.27 -20.56
CA GLY B 210 1.49 -0.57 -19.86
C GLY B 210 0.68 0.71 -19.57
N CYS B 211 1.38 1.76 -19.16
CA CYS B 211 0.73 3.04 -18.86
C CYS B 211 0.12 3.65 -20.11
N LYS B 212 0.86 3.58 -21.21
CA LYS B 212 0.42 4.11 -22.49
C LYS B 212 -0.79 3.35 -22.99
N ALA B 213 -0.77 2.03 -22.84
CA ALA B 213 -1.89 1.19 -23.27
C ALA B 213 -3.11 1.41 -22.35
N ALA B 214 -2.87 1.88 -21.13
CA ALA B 214 -3.95 2.15 -20.18
C ALA B 214 -4.55 3.54 -20.41
N GLY B 215 -4.02 4.23 -21.41
CA GLY B 215 -4.52 5.55 -21.73
C GLY B 215 -4.04 6.65 -20.83
N ALA B 216 -2.88 6.46 -20.20
CA ALA B 216 -2.33 7.48 -19.31
C ALA B 216 -2.14 8.76 -20.14
N ALA B 217 -2.57 9.88 -19.58
CA ALA B 217 -2.46 11.14 -20.28
C ALA B 217 -1.06 11.71 -20.25
N ARG B 218 -0.34 11.43 -19.18
CA ARG B 218 1.01 11.96 -19.07
C ARG B 218 1.86 10.85 -18.47
N ILE B 219 3.02 10.60 -19.07
CA ILE B 219 3.93 9.57 -18.60
C ILE B 219 5.33 10.16 -18.53
N ILE B 220 5.75 10.49 -17.31
CA ILE B 220 7.04 11.10 -17.07
C ILE B 220 8.08 10.04 -16.67
N GLY B 221 9.06 9.81 -17.56
CA GLY B 221 10.12 8.85 -17.31
C GLY B 221 11.21 9.53 -16.50
N VAL B 222 11.80 8.80 -15.56
CA VAL B 222 12.84 9.34 -14.69
C VAL B 222 14.09 8.45 -14.72
N ASP B 223 15.24 9.03 -15.10
CA ASP B 223 16.47 8.27 -15.16
C ASP B 223 17.67 9.20 -15.10
N ILE B 224 18.79 8.68 -14.61
CA ILE B 224 20.01 9.47 -14.54
C ILE B 224 20.80 9.30 -15.82
N ASN B 225 20.32 8.41 -16.69
CA ASN B 225 20.94 8.15 -17.99
C ASN B 225 20.06 8.68 -19.13
N LYS B 226 20.41 9.88 -19.58
CA LYS B 226 19.70 10.57 -20.64
C LYS B 226 19.58 9.83 -21.97
N ASP B 227 20.51 8.91 -22.23
CA ASP B 227 20.48 8.16 -23.47
C ASP B 227 19.27 7.24 -23.55
N LYS B 228 18.61 7.09 -22.40
CA LYS B 228 17.42 6.25 -22.31
C LYS B 228 16.18 7.04 -22.74
N PHE B 229 16.29 8.37 -22.70
CA PHE B 229 15.19 9.27 -23.03
C PHE B 229 14.52 9.07 -24.38
N ALA B 230 15.30 9.01 -25.45
CA ALA B 230 14.76 8.86 -26.80
C ALA B 230 13.97 7.57 -26.97
N LYS B 231 14.48 6.48 -26.42
CA LYS B 231 13.81 5.21 -26.49
C LYS B 231 12.56 5.27 -25.62
N ALA B 232 12.65 5.98 -24.49
CA ALA B 232 11.50 6.13 -23.57
C ALA B 232 10.35 6.86 -24.27
N LYS B 233 10.68 7.96 -24.94
CA LYS B 233 9.70 8.73 -25.70
C LYS B 233 9.03 7.78 -26.69
N GLU B 234 9.90 7.08 -27.42
CA GLU B 234 9.51 6.10 -28.43
C GLU B 234 8.39 5.16 -27.99
N VAL B 235 8.53 4.55 -26.81
CA VAL B 235 7.51 3.63 -26.32
C VAL B 235 6.32 4.25 -25.57
N GLY B 236 6.35 5.57 -25.34
CA GLY B 236 5.22 6.18 -24.66
C GLY B 236 5.41 7.42 -23.79
N ALA B 237 6.59 7.58 -23.19
CA ALA B 237 6.87 8.72 -22.33
C ALA B 237 6.49 10.02 -23.02
N THR B 238 5.93 10.96 -22.26
CA THR B 238 5.55 12.26 -22.80
C THR B 238 6.64 13.28 -22.45
N GLU B 239 7.36 13.00 -21.36
CA GLU B 239 8.45 13.84 -20.89
C GLU B 239 9.42 12.93 -20.16
N CYS B 240 10.66 13.38 -20.04
CA CYS B 240 11.68 12.61 -19.35
C CYS B 240 12.44 13.57 -18.45
N VAL B 241 12.74 13.14 -17.24
CA VAL B 241 13.44 13.94 -16.25
C VAL B 241 14.68 13.26 -15.70
N ASN B 242 15.76 14.02 -15.58
CA ASN B 242 17.02 13.54 -15.04
C ASN B 242 17.22 14.33 -13.76
N PRO B 243 17.21 13.65 -12.62
CA PRO B 243 17.36 14.22 -11.28
C PRO B 243 18.65 15.02 -11.12
N GLN B 244 19.66 14.72 -11.94
CA GLN B 244 20.96 15.41 -11.88
C GLN B 244 20.93 16.86 -12.40
N ASP B 245 19.90 17.19 -13.18
CA ASP B 245 19.73 18.53 -13.74
C ASP B 245 19.18 19.57 -12.76
N TYR B 246 18.69 19.12 -11.61
CA TYR B 246 18.08 20.01 -10.64
C TYR B 246 18.83 20.25 -9.36
N LYS B 247 18.43 21.33 -8.70
CA LYS B 247 19.00 21.70 -7.42
C LYS B 247 18.06 21.30 -6.28
N LYS B 248 16.83 20.95 -6.61
CA LYS B 248 15.90 20.52 -5.58
C LYS B 248 15.58 19.05 -5.79
N PRO B 249 15.00 18.38 -4.78
CA PRO B 249 14.66 16.96 -4.91
C PRO B 249 13.70 16.69 -6.05
N ILE B 250 13.80 15.50 -6.63
CA ILE B 250 12.93 15.10 -7.72
C ILE B 250 11.47 14.99 -7.31
N GLN B 251 11.19 14.69 -6.02
CA GLN B 251 9.80 14.62 -5.57
C GLN B 251 9.17 16.00 -5.64
N GLU B 252 9.93 17.05 -5.31
CA GLU B 252 9.42 18.42 -5.38
C GLU B 252 9.17 18.79 -6.82
N VAL B 253 10.16 18.51 -7.66
CA VAL B 253 10.04 18.77 -9.08
C VAL B 253 8.81 18.05 -9.64
N LEU B 254 8.69 16.74 -9.42
CA LEU B 254 7.55 15.98 -9.94
C LEU B 254 6.19 16.43 -9.40
N THR B 255 6.13 16.87 -8.16
CA THR B 255 4.88 17.35 -7.55
C THR B 255 4.49 18.69 -8.21
N GLU B 256 5.48 19.57 -8.36
CA GLU B 256 5.24 20.85 -9.03
C GLU B 256 4.73 20.58 -10.44
N MET B 257 5.45 19.72 -11.18
CA MET B 257 5.10 19.37 -12.55
C MET B 257 3.69 18.82 -12.68
N SER B 258 3.29 17.98 -11.74
CA SER B 258 1.98 17.35 -11.79
C SER B 258 0.88 18.11 -11.07
N ASN B 259 1.22 19.25 -10.48
CA ASN B 259 0.26 20.06 -9.73
C ASN B 259 -0.30 19.36 -8.52
N GLY B 260 0.59 18.90 -7.64
CA GLY B 260 0.14 18.23 -6.45
C GLY B 260 0.54 16.78 -6.35
N GLY B 261 1.09 16.21 -7.42
CA GLY B 261 1.49 14.82 -7.38
C GLY B 261 0.93 13.97 -8.50
N VAL B 262 1.61 12.88 -8.81
CA VAL B 262 1.14 12.01 -9.88
C VAL B 262 0.06 11.06 -9.39
N ASP B 263 -0.63 10.41 -10.32
CA ASP B 263 -1.66 9.48 -9.94
C ASP B 263 -1.08 8.11 -9.68
N PHE B 264 -0.08 7.74 -10.45
CA PHE B 264 0.59 6.45 -10.32
C PHE B 264 2.09 6.61 -10.52
N SER B 265 2.88 6.08 -9.60
CA SER B 265 4.32 6.11 -9.79
C SER B 265 4.81 4.67 -9.68
N PHE B 266 5.97 4.39 -10.26
CA PHE B 266 6.53 3.04 -10.22
C PHE B 266 8.02 3.14 -9.96
N GLU B 267 8.54 2.28 -9.10
CA GLU B 267 9.97 2.27 -8.84
C GLU B 267 10.45 1.03 -9.62
N VAL B 268 11.26 1.25 -10.65
CA VAL B 268 11.78 0.15 -11.46
C VAL B 268 13.31 0.12 -11.52
N ILE B 269 13.93 0.37 -10.36
CA ILE B 269 15.38 0.39 -10.20
C ILE B 269 15.89 -0.67 -9.19
N GLY B 270 15.46 -0.54 -7.93
CA GLY B 270 15.87 -1.45 -6.87
C GLY B 270 16.61 -0.71 -5.76
N ARG B 271 16.24 0.54 -5.52
CA ARG B 271 16.88 1.35 -4.49
C ARG B 271 15.90 1.78 -3.43
N LEU B 272 16.32 1.72 -2.18
CA LEU B 272 15.48 2.08 -1.04
C LEU B 272 15.07 3.54 -1.09
N ASP B 273 16.02 4.41 -1.43
CA ASP B 273 15.77 5.85 -1.49
C ASP B 273 14.76 6.22 -2.58
N THR B 274 14.93 5.64 -3.76
CA THR B 274 14.02 5.91 -4.86
C THR B 274 12.63 5.29 -4.57
N MET B 275 12.57 4.28 -3.70
CA MET B 275 11.28 3.69 -3.36
C MET B 275 10.49 4.67 -2.51
N VAL B 276 11.16 5.38 -1.62
CA VAL B 276 10.48 6.36 -0.78
C VAL B 276 10.03 7.57 -1.61
N THR B 277 10.91 8.04 -2.47
CA THR B 277 10.64 9.18 -3.35
C THR B 277 9.48 8.92 -4.30
N ALA B 278 9.41 7.71 -4.85
CA ALA B 278 8.32 7.36 -5.74
C ALA B 278 7.03 7.46 -4.94
N LEU B 279 7.05 7.04 -3.68
CA LEU B 279 5.85 7.12 -2.81
C LEU B 279 5.44 8.60 -2.67
N SER B 280 6.37 9.43 -2.21
CA SER B 280 6.14 10.86 -2.01
C SER B 280 5.59 11.60 -3.21
N CYS B 281 6.02 11.19 -4.40
CA CYS B 281 5.61 11.77 -5.67
C CYS B 281 4.15 11.68 -5.99
N CYS B 282 3.49 10.62 -5.52
CA CYS B 282 2.08 10.50 -5.84
C CYS B 282 1.19 11.34 -4.94
N GLN B 283 0.06 11.76 -5.49
CA GLN B 283 -0.88 12.62 -4.80
C GLN B 283 -1.18 12.02 -3.43
N GLU B 284 -1.07 12.83 -2.38
CA GLU B 284 -1.26 12.40 -0.99
C GLU B 284 -2.57 11.75 -0.57
N ALA B 285 -3.67 12.19 -1.17
CA ALA B 285 -4.98 11.67 -0.84
C ALA B 285 -5.37 10.42 -1.62
N TYR B 286 -4.87 10.28 -2.84
CA TYR B 286 -5.26 9.13 -3.65
C TYR B 286 -4.19 8.52 -4.56
N GLY B 287 -2.95 8.93 -4.40
CA GLY B 287 -1.92 8.37 -5.25
C GLY B 287 -1.65 6.90 -4.94
N VAL B 288 -1.10 6.20 -5.93
CA VAL B 288 -0.74 4.78 -5.80
C VAL B 288 0.71 4.62 -6.27
N SER B 289 1.52 3.91 -5.47
CA SER B 289 2.92 3.68 -5.82
C SER B 289 3.19 2.20 -5.79
N VAL B 290 3.79 1.71 -6.86
CA VAL B 290 4.12 0.32 -6.99
C VAL B 290 5.63 0.12 -7.08
N ILE B 291 6.13 -0.75 -6.22
CA ILE B 291 7.56 -1.12 -6.20
C ILE B 291 7.76 -2.29 -7.17
N VAL B 292 8.63 -2.10 -8.14
CA VAL B 292 8.92 -3.13 -9.13
C VAL B 292 10.36 -3.55 -8.95
N GLY B 293 11.21 -2.60 -8.55
CA GLY B 293 12.61 -2.93 -8.35
C GLY B 293 12.89 -3.88 -7.19
N VAL B 294 13.91 -4.73 -7.34
CA VAL B 294 14.29 -5.68 -6.28
C VAL B 294 15.33 -4.99 -5.40
N PRO B 295 15.03 -4.84 -4.08
CA PRO B 295 15.93 -4.20 -3.11
C PRO B 295 17.15 -5.03 -2.69
N PRO B 296 18.21 -4.38 -2.18
CA PRO B 296 19.45 -5.04 -1.74
C PRO B 296 19.13 -5.90 -0.53
N ASP B 297 19.75 -7.06 -0.44
CA ASP B 297 19.50 -8.00 0.65
C ASP B 297 19.60 -7.44 2.06
N SER B 298 18.60 -7.76 2.89
CA SER B 298 18.55 -7.36 4.29
C SER B 298 18.49 -5.86 4.59
N GLN B 299 18.20 -5.04 3.59
CA GLN B 299 18.14 -3.59 3.79
C GLN B 299 16.74 -3.16 4.19
N ASN B 300 16.66 -2.27 5.16
CA ASN B 300 15.39 -1.76 5.61
C ASN B 300 15.36 -0.28 5.25
N LEU B 301 14.23 0.18 4.73
CA LEU B 301 14.10 1.59 4.43
C LEU B 301 13.40 2.27 5.60
N SER B 302 13.49 3.59 5.67
CA SER B 302 12.78 4.31 6.71
C SER B 302 11.90 5.33 5.99
N MET B 303 10.68 5.48 6.49
CA MET B 303 9.74 6.41 5.90
C MET B 303 8.78 6.89 6.97
N ASN B 304 8.18 8.04 6.70
CA ASN B 304 7.22 8.64 7.61
C ASN B 304 5.85 8.07 7.25
N PRO B 305 5.21 7.32 8.18
CA PRO B 305 3.91 6.68 8.03
C PRO B 305 2.80 7.66 7.66
N MET B 306 3.03 8.96 7.86
CA MET B 306 2.05 9.97 7.53
C MET B 306 1.84 10.05 6.04
N LEU B 307 2.83 9.58 5.28
CA LEU B 307 2.73 9.56 3.82
C LEU B 307 1.56 8.67 3.40
N LEU B 308 1.29 7.64 4.20
CA LEU B 308 0.20 6.72 3.89
C LEU B 308 -1.13 7.14 4.51
N LEU B 309 -1.07 7.65 5.74
CA LEU B 309 -2.29 8.05 6.48
C LEU B 309 -3.12 9.07 5.73
N SER B 310 -2.49 9.88 4.89
CA SER B 310 -3.27 10.84 4.14
C SER B 310 -4.15 10.13 3.10
N GLY B 311 -3.75 8.93 2.69
CA GLY B 311 -4.53 8.18 1.72
C GLY B 311 -3.80 7.44 0.62
N ARG B 312 -2.49 7.63 0.52
CA ARG B 312 -1.71 6.94 -0.51
C ARG B 312 -1.79 5.42 -0.35
N THR B 313 -1.46 4.71 -1.43
CA THR B 313 -1.45 3.25 -1.42
C THR B 313 -0.06 2.82 -1.88
N TRP B 314 0.49 1.81 -1.21
CA TRP B 314 1.83 1.33 -1.53
C TRP B 314 1.77 -0.17 -1.66
N LYS B 315 2.19 -0.67 -2.81
CA LYS B 315 2.20 -2.12 -3.06
C LYS B 315 3.40 -2.50 -3.90
N GLY B 316 3.60 -3.81 -4.01
CA GLY B 316 4.70 -4.32 -4.78
C GLY B 316 4.19 -5.56 -5.48
N ALA B 317 4.96 -6.11 -6.40
CA ALA B 317 4.55 -7.29 -7.13
C ALA B 317 5.70 -7.96 -7.85
N ILE B 318 5.65 -9.30 -7.88
CA ILE B 318 6.63 -10.11 -8.57
C ILE B 318 5.93 -10.44 -9.89
N PHE B 319 6.65 -10.33 -10.99
CA PHE B 319 6.11 -10.65 -12.31
C PHE B 319 4.82 -9.92 -12.74
N GLY B 320 4.69 -8.65 -12.36
CA GLY B 320 3.52 -7.86 -12.75
C GLY B 320 2.14 -8.39 -12.35
N GLY B 321 2.06 -9.17 -11.27
CA GLY B 321 0.77 -9.68 -10.81
C GLY B 321 0.15 -10.83 -11.59
N PHE B 322 0.77 -11.24 -12.70
CA PHE B 322 0.25 -12.32 -13.52
C PHE B 322 0.49 -13.71 -12.95
N LYS B 323 -0.56 -14.54 -12.96
CA LYS B 323 -0.46 -15.93 -12.53
C LYS B 323 0.27 -16.52 -13.76
N SER B 324 1.51 -16.95 -13.54
CA SER B 324 2.37 -17.45 -14.62
C SER B 324 1.80 -18.36 -15.71
N LYS B 325 1.47 -19.60 -15.32
CA LYS B 325 0.94 -20.59 -16.27
C LYS B 325 -0.27 -20.09 -17.05
N ASP B 326 -1.18 -19.41 -16.38
CA ASP B 326 -2.37 -18.90 -17.05
C ASP B 326 -2.05 -17.77 -18.03
N SER B 327 -1.21 -16.84 -17.60
CA SER B 327 -0.91 -15.65 -18.36
C SER B 327 0.11 -15.69 -19.47
N VAL B 328 1.20 -16.43 -19.28
CA VAL B 328 2.25 -16.48 -20.29
C VAL B 328 1.76 -16.91 -21.69
N PRO B 329 1.08 -18.05 -21.79
CA PRO B 329 0.58 -18.52 -23.08
C PRO B 329 -0.40 -17.54 -23.77
N LYS B 330 -1.21 -16.85 -22.98
CA LYS B 330 -2.16 -15.87 -23.49
C LYS B 330 -1.43 -14.58 -23.89
N LEU B 331 -0.39 -14.21 -23.15
CA LEU B 331 0.41 -13.03 -23.45
C LEU B 331 1.13 -13.22 -24.80
N VAL B 332 1.59 -14.45 -25.04
CA VAL B 332 2.28 -14.79 -26.27
C VAL B 332 1.34 -14.58 -27.45
N ALA B 333 0.12 -15.12 -27.34
CA ALA B 333 -0.90 -14.99 -28.37
C ALA B 333 -1.09 -13.52 -28.69
N ASP B 334 -1.25 -12.70 -27.67
CA ASP B 334 -1.43 -11.26 -27.84
C ASP B 334 -0.30 -10.66 -28.62
N PHE B 335 0.88 -11.26 -28.50
CA PHE B 335 2.03 -10.79 -29.23
C PHE B 335 1.88 -11.20 -30.70
N MET B 336 1.50 -12.45 -30.91
CA MET B 336 1.30 -12.99 -32.27
C MET B 336 0.22 -12.18 -33.00
N ALA B 337 -0.72 -11.64 -32.23
CA ALA B 337 -1.82 -10.83 -32.76
C ALA B 337 -1.44 -9.35 -32.85
N LYS B 338 -0.15 -9.06 -32.72
CA LYS B 338 0.39 -7.70 -32.79
C LYS B 338 -0.21 -6.67 -31.82
N LYS B 339 -0.72 -7.14 -30.68
CA LYS B 339 -1.31 -6.27 -29.67
C LYS B 339 -0.31 -5.37 -28.94
N PHE B 340 0.98 -5.71 -29.00
CA PHE B 340 2.03 -4.91 -28.40
C PHE B 340 3.35 -5.23 -29.08
N ALA B 341 4.38 -4.42 -28.80
CA ALA B 341 5.69 -4.61 -29.42
C ALA B 341 6.85 -4.87 -28.45
N LEU B 342 7.62 -5.92 -28.73
CA LEU B 342 8.78 -6.27 -27.93
C LEU B 342 10.07 -5.72 -28.54
N ASP B 343 10.03 -5.49 -29.85
CA ASP B 343 11.19 -5.01 -30.59
C ASP B 343 11.99 -3.83 -30.07
N PRO B 344 11.34 -2.84 -29.47
CA PRO B 344 12.10 -1.69 -28.94
C PRO B 344 12.89 -1.99 -27.67
N LEU B 345 12.61 -3.12 -27.03
CA LEU B 345 13.32 -3.48 -25.82
C LEU B 345 14.65 -4.13 -26.15
N ILE B 346 14.71 -4.82 -27.29
CA ILE B 346 15.91 -5.53 -27.71
C ILE B 346 16.91 -4.62 -28.43
N THR B 347 17.98 -4.26 -27.76
CA THR B 347 19.00 -3.42 -28.39
C THR B 347 20.17 -4.22 -28.97
N HIS B 348 20.45 -5.41 -28.42
CA HIS B 348 21.56 -6.24 -28.89
C HIS B 348 21.24 -7.71 -28.86
N VAL B 349 21.79 -8.46 -29.82
CA VAL B 349 21.62 -9.90 -29.86
C VAL B 349 23.05 -10.42 -29.89
N LEU B 350 23.34 -11.41 -29.06
CA LEU B 350 24.67 -11.99 -28.99
C LEU B 350 24.62 -13.48 -28.75
N PRO B 351 25.63 -14.22 -29.24
CA PRO B 351 25.59 -15.67 -29.01
C PRO B 351 25.86 -15.92 -27.52
N PHE B 352 25.25 -16.97 -26.98
CA PHE B 352 25.36 -17.34 -25.57
C PHE B 352 26.78 -17.29 -24.99
N GLU B 353 27.73 -17.77 -25.76
CA GLU B 353 29.12 -17.81 -25.32
C GLU B 353 29.64 -16.40 -24.95
N LYS B 354 29.01 -15.37 -25.52
CA LYS B 354 29.38 -13.99 -25.25
C LYS B 354 28.60 -13.31 -24.12
N ILE B 355 28.05 -14.12 -23.22
CA ILE B 355 27.28 -13.65 -22.07
C ILE B 355 27.95 -12.51 -21.28
N ASN B 356 29.23 -12.67 -20.92
CA ASN B 356 29.91 -11.63 -20.15
C ASN B 356 29.89 -10.29 -20.83
N GLU B 357 29.95 -10.29 -22.15
CA GLU B 357 29.90 -9.06 -22.92
C GLU B 357 28.51 -8.47 -22.75
N GLY B 358 27.52 -9.36 -22.75
CA GLY B 358 26.13 -8.98 -22.57
C GLY B 358 25.83 -8.35 -21.20
N PHE B 359 26.59 -8.72 -20.17
CA PHE B 359 26.37 -8.13 -18.85
C PHE B 359 27.08 -6.78 -18.70
N ASP B 360 28.16 -6.59 -19.45
CA ASP B 360 28.93 -5.34 -19.43
C ASP B 360 28.14 -4.24 -20.14
N LEU B 361 27.41 -4.59 -21.20
CA LEU B 361 26.61 -3.60 -21.93
C LEU B 361 25.54 -3.03 -20.99
N LEU B 362 24.91 -3.92 -20.22
CA LEU B 362 23.88 -3.56 -19.23
C LEU B 362 24.48 -2.67 -18.15
N ARG B 363 25.58 -3.13 -17.55
CA ARG B 363 26.27 -2.38 -16.51
C ARG B 363 26.79 -1.05 -17.02
N SER B 364 27.12 -0.99 -18.31
CA SER B 364 27.62 0.24 -18.88
C SER B 364 26.47 1.19 -19.20
N GLY B 365 25.26 0.65 -19.28
CA GLY B 365 24.12 1.47 -19.57
C GLY B 365 23.94 1.62 -21.07
N GLU B 366 24.62 0.77 -21.83
CA GLU B 366 24.55 0.85 -23.28
C GLU B 366 23.42 0.07 -23.92
N SER B 367 22.80 -0.81 -23.16
CA SER B 367 21.70 -1.60 -23.71
C SER B 367 20.49 -1.58 -22.81
N ILE B 368 19.37 -2.02 -23.37
CA ILE B 368 18.16 -2.14 -22.62
C ILE B 368 18.14 -3.66 -22.46
N ARG B 369 17.69 -4.38 -23.46
CA ARG B 369 17.70 -5.83 -23.37
C ARG B 369 18.61 -6.43 -24.43
N THR B 370 19.47 -7.33 -23.98
CA THR B 370 20.35 -8.06 -24.87
C THR B 370 19.79 -9.49 -24.80
N ILE B 371 19.59 -10.09 -25.98
CA ILE B 371 19.09 -11.46 -26.05
C ILE B 371 20.27 -12.32 -26.44
N LEU B 372 20.42 -13.43 -25.73
CA LEU B 372 21.48 -14.38 -25.95
C LEU B 372 20.93 -15.56 -26.70
N THR B 373 21.51 -15.83 -27.86
CA THR B 373 21.07 -16.95 -28.67
C THR B 373 22.01 -18.14 -28.56
N PHE B 374 21.44 -19.33 -28.46
CA PHE B 374 22.21 -20.55 -28.37
C PHE B 374 22.28 -21.18 -29.77
#